data_1A6T
#
_entry.id   1A6T
#
_cell.length_a   92.170
_cell.length_b   135.950
_cell.length_c   81.080
_cell.angle_alpha   90.00
_cell.angle_beta   90.00
_cell.angle_gamma   90.00
#
_symmetry.space_group_name_H-M   'P 21 21 2'
#
loop_
_entity.id
_entity.type
_entity.pdbx_description
1 polymer 'IGG1 FAB1-IA FAB (LIGHT CHAIN)'
2 polymer 'IGG1 FAB1-IA FAB (HEAVY CHAIN)'
#
loop_
_entity_poly.entity_id
_entity_poly.type
_entity_poly.pdbx_seq_one_letter_code
_entity_poly.pdbx_strand_id
1 'polypeptide(L)'
;QSVLSQSPAILSASPGEKVIMTCSPSSSVSYMQWYQQKPGSSPKPWIYSTSNLASGVPGRFSGGGSGTSFSLTISGVEAE
DAATYYCQQYSSHPLTFGGGTKLELKRADAAPTVSIFPPSSEQLTSGGASVVCFLNNFYPKDINVKWKIDGSERQNGVLN
SWTDQDSKDSTYSMSSTLTLTKDEYERHNSYTCEATHKTSTSPIVKSFNR
;
A,C
2 'polypeptide(L)'
;EVQLQQSGPDLVKPGASVKISCKASGYSFSTYYMHWVKQSHGKSLEWIGRVDPDNGGTSFNQKFKGKAILTVDKSSSTAY
MELGSLTSEDSAVYYCARRDDYYFDFWGQGTSLTVSSAKTTPPSVYPLAPVCGGTTGSSVTLGCLVKGYFPEPVTLTWNS
GSLSSGVHTFPAVLQSGLYTLSSSVTVTSSTWPSQTITCNVAHPASSTKVDKKIEPR
;
B,D
#
# COMPACT_ATOMS: atom_id res chain seq x y z
N GLN A 1 -20.63 36.71 7.50
CA GLN A 1 -21.61 36.09 8.43
C GLN A 1 -22.87 36.98 8.46
N SER A 2 -24.04 36.36 8.44
CA SER A 2 -25.31 37.10 8.50
C SER A 2 -26.20 36.35 9.50
N VAL A 3 -26.01 36.68 10.77
CA VAL A 3 -26.75 36.08 11.88
C VAL A 3 -28.20 36.57 11.92
N LEU A 4 -29.14 35.62 11.98
CA LEU A 4 -30.56 35.94 12.02
C LEU A 4 -31.12 35.84 13.43
N SER A 5 -31.83 36.87 13.86
CA SER A 5 -32.38 36.90 15.20
C SER A 5 -33.88 37.02 15.12
N GLN A 6 -34.58 36.08 15.74
CA GLN A 6 -36.03 36.08 15.72
C GLN A 6 -36.64 36.42 17.08
N SER A 7 -37.74 37.22 16.99
CA SER A 7 -38.42 37.68 18.21
C SER A 7 -39.91 37.86 17.97
N PRO A 8 -40.65 37.49 19.00
CA PRO A 8 -40.18 36.82 20.21
C PRO A 8 -39.84 35.34 19.97
N ALA A 9 -39.32 34.76 21.08
CA ALA A 9 -38.92 33.35 21.15
C ALA A 9 -40.17 32.47 21.22
N ILE A 10 -41.00 32.84 22.17
CA ILE A 10 -42.31 32.22 22.41
C ILE A 10 -43.36 33.29 22.24
N LEU A 11 -44.39 32.93 21.53
CA LEU A 11 -45.47 33.86 21.24
C LEU A 11 -46.82 33.16 21.49
N SER A 12 -47.64 33.73 22.36
CA SER A 12 -48.93 33.13 22.65
C SER A 12 -50.07 34.06 22.27
N ALA A 13 -50.91 33.54 21.40
CA ALA A 13 -52.07 34.29 20.89
C ALA A 13 -53.33 33.43 20.98
N SER A 14 -54.41 34.12 21.28
CA SER A 14 -55.72 33.50 21.32
C SER A 14 -56.18 33.24 19.90
N PRO A 15 -56.95 32.20 19.62
CA PRO A 15 -57.38 32.09 18.21
C PRO A 15 -58.08 33.34 17.77
N GLY A 16 -57.80 33.71 16.53
CA GLY A 16 -58.45 34.87 15.90
C GLY A 16 -57.58 36.15 15.97
N GLU A 17 -56.58 36.14 16.82
CA GLU A 17 -55.69 37.32 16.95
C GLU A 17 -54.80 37.45 15.72
N LYS A 18 -54.23 38.62 15.58
CA LYS A 18 -53.28 38.94 14.51
C LYS A 18 -51.88 39.01 15.12
N VAL A 19 -51.01 38.17 14.59
CA VAL A 19 -49.65 38.05 15.10
C VAL A 19 -48.60 38.43 14.04
N ILE A 20 -47.57 39.14 14.52
CA ILE A 20 -46.42 39.56 13.67
C ILE A 20 -45.15 38.89 14.18
N MET A 21 -44.45 38.18 13.29
CA MET A 21 -43.20 37.52 13.67
C MET A 21 -42.03 38.25 13.04
N THR A 22 -41.01 38.57 13.83
CA THR A 22 -39.86 39.30 13.30
C THR A 22 -38.56 38.52 13.19
N CYS A 23 -37.81 38.83 12.13
CA CYS A 23 -36.54 38.19 11.83
C CYS A 23 -35.50 39.24 11.42
N SER A 24 -34.55 39.54 12.30
CA SER A 24 -33.52 40.54 12.03
C SER A 24 -32.14 39.99 11.73
N PRO A 25 -31.63 40.26 10.54
CA PRO A 25 -30.29 39.77 10.18
C PRO A 25 -29.33 40.90 10.48
N SER A 26 -28.16 40.59 11.00
CA SER A 26 -27.18 41.62 11.32
C SER A 26 -26.55 42.26 10.08
N SER A 27 -27.18 42.08 8.93
CA SER A 27 -26.67 42.66 7.69
C SER A 27 -27.65 42.45 6.56
N SER A 28 -27.76 43.44 5.67
CA SER A 28 -28.68 43.38 4.53
C SER A 28 -28.80 42.02 3.85
N VAL A 29 -30.04 41.60 3.64
CA VAL A 29 -30.36 40.33 3.02
C VAL A 29 -31.28 40.60 1.83
N SER A 30 -31.02 39.96 0.70
CA SER A 30 -31.85 40.15 -0.49
C SER A 30 -33.26 39.63 -0.21
N TYR A 31 -33.34 38.33 -0.02
CA TYR A 31 -34.62 37.68 0.31
C TYR A 31 -34.50 36.86 1.58
N MET A 32 -35.66 36.63 2.15
CA MET A 32 -35.80 35.84 3.36
C MET A 32 -36.81 34.73 3.09
N GLN A 33 -36.42 33.54 3.53
CA GLN A 33 -37.26 32.35 3.40
C GLN A 33 -37.73 31.95 4.79
N TRP A 34 -38.94 31.43 4.85
CA TRP A 34 -39.52 31.03 6.13
C TRP A 34 -39.97 29.57 6.12
N TYR A 35 -39.78 28.86 7.24
CA TYR A 35 -40.20 27.47 7.38
C TYR A 35 -41.10 27.28 8.62
N GLN A 36 -41.94 26.25 8.61
CA GLN A 36 -42.82 25.94 9.73
C GLN A 36 -42.44 24.55 10.18
N GLN A 37 -42.25 24.36 11.48
CA GLN A 37 -41.89 23.04 11.96
C GLN A 37 -42.78 22.66 13.11
N LYS A 38 -43.39 21.48 12.97
CA LYS A 38 -44.27 20.96 13.99
C LYS A 38 -43.54 19.79 14.56
N PRO A 39 -43.54 19.68 15.89
CA PRO A 39 -42.86 18.65 16.69
C PRO A 39 -43.00 17.25 16.09
N GLY A 40 -41.86 16.54 16.05
CA GLY A 40 -41.86 15.20 15.48
C GLY A 40 -41.88 15.16 13.96
N SER A 41 -41.66 16.30 13.30
CA SER A 41 -41.66 16.35 11.82
C SER A 41 -40.51 17.21 11.30
N SER A 42 -40.16 17.05 10.03
CA SER A 42 -39.11 17.88 9.43
C SER A 42 -39.73 19.25 9.08
N PRO A 43 -38.90 20.31 8.91
CA PRO A 43 -39.48 21.62 8.58
C PRO A 43 -40.18 21.62 7.22
N LYS A 44 -41.12 22.54 7.02
CA LYS A 44 -41.87 22.63 5.78
C LYS A 44 -41.71 24.01 5.13
N PRO A 45 -41.51 24.07 3.81
CA PRO A 45 -41.37 25.37 3.15
C PRO A 45 -42.62 26.20 3.38
N TRP A 46 -42.46 27.43 3.85
CA TRP A 46 -43.60 28.28 4.10
C TRP A 46 -43.65 29.47 3.16
N ILE A 47 -42.60 30.30 3.19
CA ILE A 47 -42.49 31.49 2.35
C ILE A 47 -41.11 31.63 1.70
N TYR A 48 -41.09 31.86 0.39
CA TYR A 48 -39.81 32.03 -0.29
C TYR A 48 -39.82 33.41 -0.96
N SER A 49 -38.64 33.90 -1.23
CA SER A 49 -38.47 35.21 -1.88
C SER A 49 -39.11 36.36 -1.06
N THR A 50 -39.21 36.12 0.24
CA THR A 50 -39.64 37.14 1.24
C THR A 50 -41.15 37.47 1.26
N SER A 51 -41.92 37.01 0.29
CA SER A 51 -43.36 37.36 0.27
C SER A 51 -44.19 36.29 -0.41
N ASN A 52 -43.53 35.34 -1.09
CA ASN A 52 -44.22 34.27 -1.78
C ASN A 52 -44.58 33.15 -0.84
N LEU A 53 -45.84 32.71 -0.90
CA LEU A 53 -46.32 31.63 -0.05
C LEU A 53 -46.08 30.33 -0.79
N ALA A 54 -45.58 29.32 -0.10
CA ALA A 54 -45.34 28.04 -0.73
C ALA A 54 -46.68 27.30 -0.87
N SER A 55 -46.68 26.26 -1.69
CA SER A 55 -47.86 25.46 -1.92
C SER A 55 -48.40 24.92 -0.59
N GLY A 56 -49.69 25.10 -0.35
CA GLY A 56 -50.26 24.59 0.88
C GLY A 56 -50.39 25.60 2.01
N VAL A 57 -49.83 26.79 1.84
CA VAL A 57 -49.91 27.79 2.88
C VAL A 57 -51.10 28.70 2.67
N PRO A 58 -51.95 28.84 3.67
CA PRO A 58 -53.15 29.68 3.61
C PRO A 58 -52.88 31.15 3.53
N GLY A 59 -53.84 31.87 2.97
CA GLY A 59 -53.73 33.31 2.78
C GLY A 59 -53.71 34.13 4.04
N ARG A 60 -53.83 33.51 5.20
CA ARG A 60 -53.79 34.31 6.41
C ARG A 60 -52.36 34.65 6.80
N PHE A 61 -51.43 34.13 6.00
CA PHE A 61 -50.00 34.35 6.18
C PHE A 61 -49.49 35.32 5.13
N SER A 62 -48.51 36.12 5.53
CA SER A 62 -47.90 37.09 4.63
C SER A 62 -46.50 37.39 5.13
N GLY A 63 -45.53 37.34 4.22
CA GLY A 63 -44.16 37.63 4.62
C GLY A 63 -43.80 38.99 4.11
N GLY A 64 -42.68 39.54 4.55
CA GLY A 64 -42.27 40.85 4.08
C GLY A 64 -40.96 41.30 4.66
N GLY A 65 -40.61 42.56 4.40
CA GLY A 65 -39.39 43.11 4.94
C GLY A 65 -38.41 43.55 3.88
N SER A 66 -37.26 44.06 4.32
CA SER A 66 -36.23 44.56 3.44
C SER A 66 -34.93 44.69 4.19
N GLY A 67 -33.83 44.43 3.50
CA GLY A 67 -32.51 44.56 4.10
C GLY A 67 -32.24 43.78 5.36
N THR A 68 -32.54 44.37 6.52
CA THR A 68 -32.28 43.73 7.80
C THR A 68 -33.48 43.56 8.73
N SER A 69 -34.67 43.64 8.17
CA SER A 69 -35.86 43.43 8.97
C SER A 69 -36.96 42.83 8.14
N PHE A 70 -37.25 41.56 8.42
CA PHE A 70 -38.28 40.84 7.73
C PHE A 70 -39.30 40.39 8.76
N SER A 71 -40.50 40.05 8.30
CA SER A 71 -41.58 39.62 9.17
C SER A 71 -42.52 38.64 8.48
N LEU A 72 -43.25 37.95 9.34
CA LEU A 72 -44.26 36.95 8.97
C LEU A 72 -45.51 37.24 9.81
N THR A 73 -46.56 37.69 9.13
CA THR A 73 -47.80 38.10 9.81
C THR A 73 -48.96 37.17 9.54
N ILE A 74 -49.59 36.68 10.62
CA ILE A 74 -50.78 35.83 10.52
C ILE A 74 -51.95 36.71 10.95
N SER A 75 -52.93 36.92 10.07
CA SER A 75 -54.09 37.76 10.37
C SER A 75 -55.10 37.19 11.36
N GLY A 76 -55.35 35.89 11.26
CA GLY A 76 -56.26 35.27 12.20
C GLY A 76 -55.60 33.99 12.66
N VAL A 77 -54.94 34.00 13.80
CA VAL A 77 -54.28 32.78 14.28
C VAL A 77 -55.30 31.66 14.47
N GLU A 78 -55.12 30.60 13.71
CA GLU A 78 -56.01 29.46 13.83
C GLU A 78 -55.28 28.43 14.67
N ALA A 79 -55.96 27.37 15.03
CA ALA A 79 -55.37 26.32 15.85
C ALA A 79 -54.17 25.65 15.20
N GLU A 80 -54.31 25.28 13.94
CA GLU A 80 -53.25 24.59 13.24
C GLU A 80 -51.99 25.45 12.99
N ASP A 81 -51.99 26.68 13.46
CA ASP A 81 -50.83 27.52 13.26
C ASP A 81 -49.79 27.30 14.34
N ALA A 82 -50.18 26.68 15.44
CA ALA A 82 -49.25 26.42 16.52
C ALA A 82 -48.06 25.60 16.04
N ALA A 83 -46.90 26.25 15.99
CA ALA A 83 -45.68 25.60 15.53
C ALA A 83 -44.54 26.59 15.72
N THR A 84 -43.32 26.19 15.36
CA THR A 84 -42.14 27.07 15.46
C THR A 84 -41.81 27.51 14.04
N TYR A 85 -41.65 28.81 13.83
CA TYR A 85 -41.34 29.32 12.50
C TYR A 85 -39.90 29.74 12.40
N TYR A 86 -39.23 29.31 11.35
CA TYR A 86 -37.81 29.61 11.12
C TYR A 86 -37.57 30.46 9.91
N CYS A 87 -36.74 31.49 10.04
CA CYS A 87 -36.38 32.29 8.88
C CYS A 87 -35.00 31.84 8.43
N GLN A 88 -34.73 31.92 7.13
CA GLN A 88 -33.47 31.46 6.59
C GLN A 88 -32.91 32.44 5.57
N GLN A 89 -31.59 32.56 5.52
CA GLN A 89 -30.91 33.48 4.61
C GLN A 89 -29.74 32.81 3.86
N TYR A 90 -29.33 33.38 2.74
CA TYR A 90 -28.22 32.88 1.95
C TYR A 90 -27.65 33.96 1.04
N SER A 91 -27.78 35.18 1.53
CA SER A 91 -27.27 36.39 0.85
C SER A 91 -25.78 36.52 1.14
N SER A 92 -25.43 35.90 2.25
CA SER A 92 -24.05 35.80 2.76
C SER A 92 -23.75 34.32 3.00
N HIS A 93 -22.56 34.04 3.48
CA HIS A 93 -22.11 32.65 3.67
C HIS A 93 -21.41 32.43 5.01
N PRO A 94 -21.66 31.23 5.53
CA PRO A 94 -22.58 30.23 5.00
C PRO A 94 -24.05 30.56 5.30
N LEU A 95 -24.88 29.58 4.80
CA LEU A 95 -26.37 29.55 4.92
C LEU A 95 -26.77 29.48 6.39
N THR A 96 -27.60 30.40 6.85
CA THR A 96 -27.98 30.45 8.28
C THR A 96 -29.49 30.48 8.47
N PHE A 97 -29.94 30.12 9.67
CA PHE A 97 -31.35 30.10 10.07
C PHE A 97 -31.49 30.97 11.30
N GLY A 98 -32.73 31.34 11.62
CA GLY A 98 -33.00 32.14 12.79
C GLY A 98 -33.29 31.21 13.96
N GLY A 99 -33.30 31.75 15.16
CA GLY A 99 -33.54 30.93 16.33
C GLY A 99 -34.94 30.36 16.42
N GLY A 100 -35.85 30.79 15.55
CA GLY A 100 -37.21 30.28 15.59
C GLY A 100 -38.16 31.07 16.49
N THR A 101 -39.45 30.99 16.16
CA THR A 101 -40.50 31.61 16.98
C THR A 101 -41.54 30.51 17.21
N LYS A 102 -41.79 30.21 18.46
CA LYS A 102 -42.76 29.17 18.81
C LYS A 102 -44.05 29.89 19.09
N LEU A 103 -45.09 29.52 18.37
CA LEU A 103 -46.41 30.11 18.57
C LEU A 103 -47.20 29.05 19.35
N GLU A 104 -47.73 29.45 20.49
CA GLU A 104 -48.51 28.55 21.31
C GLU A 104 -49.89 29.21 21.54
N LEU A 105 -50.92 28.38 21.65
CA LEU A 105 -52.31 28.88 21.83
C LEU A 105 -52.60 29.23 23.28
N LYS A 106 -53.23 30.37 23.42
CA LYS A 106 -53.71 30.90 24.70
C LYS A 106 -55.15 30.44 24.88
N ARG A 107 -55.46 29.87 26.03
CA ARG A 107 -56.82 29.37 26.27
C ARG A 107 -57.24 29.52 27.73
N ALA A 108 -58.51 29.22 27.95
CA ALA A 108 -59.11 29.28 29.30
C ALA A 108 -58.41 28.26 30.20
N ASP A 109 -58.28 28.59 31.48
CA ASP A 109 -57.65 27.71 32.49
C ASP A 109 -58.45 26.42 32.67
N ALA A 110 -57.75 25.33 33.00
CA ALA A 110 -58.38 24.03 33.24
C ALA A 110 -57.58 23.34 34.33
N ALA A 111 -58.28 22.77 35.31
CA ALA A 111 -57.62 22.08 36.41
C ALA A 111 -57.20 20.72 35.89
N PRO A 112 -56.06 20.19 36.36
CA PRO A 112 -55.64 18.88 35.88
C PRO A 112 -56.41 17.75 36.55
N THR A 113 -56.34 16.57 35.95
CA THR A 113 -56.98 15.36 36.48
C THR A 113 -55.86 14.47 37.01
N VAL A 114 -55.68 14.47 38.33
CA VAL A 114 -54.63 13.68 38.95
C VAL A 114 -54.96 12.23 39.19
N SER A 115 -53.96 11.39 38.95
CA SER A 115 -54.07 9.95 39.17
C SER A 115 -52.75 9.46 39.75
N ILE A 116 -52.84 8.59 40.75
CA ILE A 116 -51.68 8.06 41.42
C ILE A 116 -51.76 6.55 41.25
N PHE A 117 -50.65 5.92 40.89
CA PHE A 117 -50.64 4.48 40.66
C PHE A 117 -49.60 3.80 41.52
N PRO A 118 -50.04 2.91 42.44
CA PRO A 118 -49.03 2.23 43.27
C PRO A 118 -48.15 1.34 42.41
N PRO A 119 -46.99 0.92 42.93
CA PRO A 119 -46.06 0.06 42.18
C PRO A 119 -46.70 -1.23 41.68
N SER A 120 -46.46 -1.56 40.42
CA SER A 120 -47.01 -2.81 39.88
C SER A 120 -46.34 -4.00 40.59
N SER A 121 -47.10 -5.05 40.87
CA SER A 121 -46.50 -6.20 41.51
C SER A 121 -45.37 -6.74 40.62
N GLU A 122 -45.42 -6.49 39.32
CA GLU A 122 -44.34 -6.95 38.46
C GLU A 122 -43.02 -6.25 38.80
N GLN A 123 -43.09 -4.96 39.11
CA GLN A 123 -41.89 -4.21 39.45
C GLN A 123 -41.32 -4.69 40.76
N LEU A 124 -42.17 -4.81 41.78
CA LEU A 124 -41.75 -5.26 43.10
C LEU A 124 -41.01 -6.58 42.98
N THR A 125 -41.53 -7.49 42.15
CA THR A 125 -40.86 -8.76 41.90
C THR A 125 -39.39 -8.53 41.54
N SER A 126 -39.18 -7.46 40.80
CA SER A 126 -37.84 -7.09 40.30
C SER A 126 -37.13 -6.12 41.27
N GLY A 127 -37.52 -6.23 42.53
CA GLY A 127 -36.92 -5.49 43.68
C GLY A 127 -36.89 -3.95 43.53
N GLY A 128 -37.66 -3.40 42.62
CA GLY A 128 -37.74 -1.93 42.45
C GLY A 128 -39.17 -1.49 42.71
N ALA A 129 -39.37 -0.20 42.91
CA ALA A 129 -40.72 0.31 43.14
C ALA A 129 -40.86 1.75 42.68
N SER A 130 -41.76 1.97 41.71
CA SER A 130 -42.03 3.29 41.14
C SER A 130 -43.51 3.66 41.26
N VAL A 131 -43.74 4.72 41.99
CA VAL A 131 -45.08 5.31 42.18
C VAL A 131 -45.23 6.42 41.16
N VAL A 132 -46.27 6.33 40.37
CA VAL A 132 -46.49 7.31 39.30
C VAL A 132 -47.70 8.21 39.52
N CYS A 133 -47.63 9.42 39.02
CA CYS A 133 -48.72 10.36 39.16
C CYS A 133 -48.86 11.18 37.86
N PHE A 134 -50.04 11.06 37.27
CA PHE A 134 -50.39 11.75 36.02
C PHE A 134 -51.32 12.94 36.26
N LEU A 135 -50.80 14.12 35.98
CA LEU A 135 -51.57 15.37 36.04
C LEU A 135 -51.94 15.72 34.59
N ASN A 136 -53.17 15.42 34.25
CA ASN A 136 -53.62 15.56 32.85
C ASN A 136 -54.60 16.71 32.59
N ASN A 137 -54.50 17.12 31.33
CA ASN A 137 -55.31 18.14 30.64
C ASN A 137 -55.56 19.40 31.48
N PHE A 138 -54.54 20.23 31.64
CA PHE A 138 -54.67 21.46 32.42
C PHE A 138 -54.12 22.56 31.52
N TYR A 139 -54.47 23.82 31.73
CA TYR A 139 -54.00 24.85 30.80
C TYR A 139 -52.74 25.61 31.23
N PRO A 140 -52.80 26.49 32.27
CA PRO A 140 -51.51 27.12 32.55
C PRO A 140 -50.37 26.10 32.71
N LYS A 141 -49.55 26.07 31.72
CA LYS A 141 -48.48 25.09 31.67
C LYS A 141 -47.73 25.02 33.00
N ASP A 142 -47.73 26.11 33.73
CA ASP A 142 -47.03 26.15 35.02
C ASP A 142 -47.82 25.37 36.07
N ILE A 143 -47.17 24.38 36.67
CA ILE A 143 -47.78 23.58 37.71
C ILE A 143 -46.68 23.14 38.67
N ASN A 144 -47.04 22.84 39.91
CA ASN A 144 -46.04 22.43 40.88
C ASN A 144 -46.46 21.13 41.53
N VAL A 145 -45.61 20.12 41.48
CA VAL A 145 -45.93 18.82 42.08
C VAL A 145 -44.98 18.53 43.21
N LYS A 146 -45.49 17.98 44.30
CA LYS A 146 -44.62 17.63 45.42
C LYS A 146 -45.04 16.27 45.98
N TRP A 147 -44.07 15.37 46.12
CA TRP A 147 -44.34 14.06 46.66
C TRP A 147 -44.16 14.09 48.16
N LYS A 148 -44.86 13.21 48.84
CA LYS A 148 -44.78 13.10 50.29
C LYS A 148 -44.94 11.63 50.62
N ILE A 149 -44.06 11.14 51.49
CA ILE A 149 -44.12 9.77 51.94
C ILE A 149 -44.27 9.85 53.47
N ASP A 150 -45.50 9.62 53.93
CA ASP A 150 -45.86 9.71 55.33
C ASP A 150 -45.69 11.13 55.85
N GLY A 151 -46.19 12.10 55.09
CA GLY A 151 -46.10 13.48 55.53
C GLY A 151 -44.74 14.15 55.33
N SER A 152 -43.71 13.37 55.09
CA SER A 152 -42.37 13.91 54.86
C SER A 152 -42.14 14.04 53.35
N GLU A 153 -41.86 15.27 52.91
CA GLU A 153 -41.64 15.57 51.50
C GLU A 153 -40.38 14.91 50.96
N ARG A 154 -40.47 14.36 49.76
CA ARG A 154 -39.32 13.69 49.15
C ARG A 154 -39.03 14.34 47.81
N GLN A 155 -37.92 15.07 47.73
CA GLN A 155 -37.53 15.73 46.50
C GLN A 155 -36.46 14.93 45.77
N ASN A 156 -36.14 13.76 46.33
CA ASN A 156 -35.11 12.90 45.80
C ASN A 156 -35.66 11.66 45.11
N GLY A 157 -35.29 11.45 43.85
CA GLY A 157 -35.77 10.29 43.11
C GLY A 157 -37.02 10.52 42.26
N VAL A 158 -37.38 11.79 42.07
CA VAL A 158 -38.54 12.18 41.29
C VAL A 158 -38.16 12.46 39.85
N LEU A 159 -38.95 11.95 38.91
CA LEU A 159 -38.70 12.13 37.49
C LEU A 159 -39.93 12.76 36.85
N ASN A 160 -39.77 13.94 36.29
CA ASN A 160 -40.88 14.63 35.68
C ASN A 160 -40.74 14.82 34.18
N SER A 161 -41.85 14.78 33.46
CA SER A 161 -41.84 14.94 32.03
C SER A 161 -43.14 15.59 31.64
N TRP A 162 -43.10 16.46 30.65
CA TRP A 162 -44.26 17.22 30.19
C TRP A 162 -44.50 16.97 28.73
N THR A 163 -45.75 17.15 28.28
CA THR A 163 -46.05 16.97 26.86
C THR A 163 -46.15 18.35 26.20
N ASP A 164 -46.09 18.37 24.87
CA ASP A 164 -46.25 19.61 24.10
C ASP A 164 -47.74 19.93 24.21
N GLN A 165 -48.09 21.18 23.95
CA GLN A 165 -49.48 21.61 23.98
C GLN A 165 -50.26 20.68 23.08
N ASP A 166 -51.36 20.13 23.60
CA ASP A 166 -52.23 19.19 22.87
C ASP A 166 -52.87 19.79 21.60
N SER A 167 -52.93 19.01 20.53
CA SER A 167 -53.51 19.49 19.28
C SER A 167 -55.03 19.66 19.36
N LYS A 168 -55.70 18.74 20.05
CA LYS A 168 -57.15 18.81 20.17
C LYS A 168 -57.69 19.89 21.15
N ASP A 169 -57.17 20.02 22.38
CA ASP A 169 -57.79 21.02 23.32
C ASP A 169 -56.83 22.14 23.81
N SER A 170 -55.57 22.10 23.41
CA SER A 170 -54.60 23.18 23.75
C SER A 170 -54.11 23.11 25.19
N THR A 171 -54.18 21.93 25.78
CA THR A 171 -53.77 21.75 27.17
C THR A 171 -52.48 20.96 27.28
N TYR A 172 -51.87 21.02 28.45
CA TYR A 172 -50.64 20.31 28.75
C TYR A 172 -50.93 19.16 29.71
N SER A 173 -50.05 18.17 29.74
CA SER A 173 -50.19 17.06 30.66
C SER A 173 -48.82 16.85 31.27
N MET A 174 -48.78 16.26 32.44
CA MET A 174 -47.52 16.02 33.13
C MET A 174 -47.47 14.62 33.74
N SER A 175 -46.27 14.09 33.87
CA SER A 175 -46.04 12.78 34.45
C SER A 175 -44.98 12.94 35.54
N SER A 176 -45.29 12.51 36.76
CA SER A 176 -44.33 12.62 37.85
C SER A 176 -44.10 11.22 38.41
N THR A 177 -42.87 10.72 38.30
CA THR A 177 -42.55 9.39 38.78
C THR A 177 -41.57 9.43 39.94
N LEU A 178 -41.92 8.76 41.03
CA LEU A 178 -41.04 8.70 42.18
C LEU A 178 -40.58 7.25 42.27
N THR A 179 -39.28 7.04 42.19
CA THR A 179 -38.72 5.70 42.27
C THR A 179 -37.94 5.42 43.55
N LEU A 180 -38.25 4.28 44.16
CA LEU A 180 -37.65 3.84 45.39
C LEU A 180 -37.29 2.37 45.26
N THR A 181 -36.58 1.90 46.25
CA THR A 181 -36.22 0.48 46.32
C THR A 181 -37.39 -0.24 46.97
N LYS A 182 -37.65 -1.44 46.49
CA LYS A 182 -38.74 -2.25 47.03
C LYS A 182 -38.70 -2.21 48.57
N ASP A 183 -37.51 -2.34 49.16
CA ASP A 183 -37.36 -2.31 50.62
C ASP A 183 -37.65 -0.97 51.23
N GLU A 184 -37.32 0.09 50.53
CA GLU A 184 -37.61 1.42 51.03
C GLU A 184 -39.11 1.71 50.82
N TYR A 185 -39.70 1.08 49.79
CA TYR A 185 -41.09 1.27 49.46
C TYR A 185 -41.92 0.65 50.54
N GLU A 186 -41.54 -0.56 50.91
CA GLU A 186 -42.28 -1.28 51.92
C GLU A 186 -42.01 -0.84 53.36
N ARG A 187 -41.24 0.22 53.54
CA ARG A 187 -40.97 0.69 54.88
C ARG A 187 -41.90 1.88 55.16
N HIS A 188 -42.94 2.05 54.33
CA HIS A 188 -43.89 3.16 54.50
C HIS A 188 -45.33 2.80 54.20
N ASN A 189 -46.24 3.76 54.36
CA ASN A 189 -47.66 3.49 54.10
C ASN A 189 -48.36 4.46 53.19
N SER A 190 -48.39 5.73 53.56
CA SER A 190 -49.08 6.72 52.73
C SER A 190 -48.18 7.41 51.73
N TYR A 191 -48.57 7.34 50.49
CA TYR A 191 -47.88 8.01 49.40
C TYR A 191 -48.77 9.10 48.79
N THR A 192 -48.31 10.31 48.79
CA THR A 192 -49.12 11.42 48.28
C THR A 192 -48.40 12.26 47.23
N CYS A 193 -49.22 12.60 46.25
CA CYS A 193 -48.86 13.46 45.11
C CYS A 193 -49.66 14.76 45.26
N GLU A 194 -48.94 15.88 45.25
CA GLU A 194 -49.58 17.18 45.47
C GLU A 194 -49.29 18.20 44.38
N ALA A 195 -50.31 18.51 43.60
CA ALA A 195 -50.21 19.47 42.51
C ALA A 195 -50.66 20.85 42.97
N THR A 196 -49.94 21.87 42.54
CA THR A 196 -50.28 23.23 42.89
C THR A 196 -50.45 23.96 41.56
N HIS A 197 -51.67 24.38 41.30
CA HIS A 197 -52.01 25.05 40.06
C HIS A 197 -52.87 26.31 40.25
N LYS A 198 -52.76 27.25 39.31
CA LYS A 198 -53.52 28.52 39.33
C LYS A 198 -55.05 28.36 39.42
N THR A 199 -55.57 27.22 38.96
CA THR A 199 -57.00 26.97 38.98
C THR A 199 -57.58 26.66 40.35
N SER A 200 -56.73 26.59 41.38
CA SER A 200 -57.20 26.26 42.72
C SER A 200 -56.48 27.02 43.82
N THR A 201 -57.23 27.33 44.88
CA THR A 201 -56.70 28.05 46.04
C THR A 201 -55.93 27.07 46.94
N SER A 202 -56.38 25.84 46.94
CA SER A 202 -55.75 24.78 47.71
C SER A 202 -55.08 23.79 46.76
N PRO A 203 -54.08 23.02 47.27
CA PRO A 203 -53.34 22.01 46.50
C PRO A 203 -54.26 20.87 46.08
N ILE A 204 -53.95 20.21 44.97
CA ILE A 204 -54.75 19.07 44.51
C ILE A 204 -53.99 17.83 44.95
N VAL A 205 -54.64 16.97 45.71
CA VAL A 205 -53.95 15.79 46.21
C VAL A 205 -54.58 14.49 45.77
N LYS A 206 -53.69 13.52 45.72
CA LYS A 206 -53.99 12.12 45.37
C LYS A 206 -53.07 11.25 46.22
N SER A 207 -53.68 10.31 46.92
CA SER A 207 -52.93 9.42 47.81
C SER A 207 -53.59 8.05 47.90
N PHE A 208 -52.79 7.16 48.43
CA PHE A 208 -53.18 5.77 48.70
C PHE A 208 -52.35 5.30 49.88
N ASN A 209 -52.93 4.41 50.65
CA ASN A 209 -52.30 3.90 51.87
C ASN A 209 -52.09 2.40 51.80
N ARG A 210 -50.84 1.97 51.94
CA ARG A 210 -50.51 0.56 51.87
C ARG A 210 -51.24 -0.37 52.85
N GLU B 1 -45.27 12.52 -4.44
CA GLU B 1 -44.55 12.30 -5.72
C GLU B 1 -43.05 12.46 -5.47
N VAL B 2 -42.64 13.68 -5.19
CA VAL B 2 -41.22 13.93 -4.84
C VAL B 2 -41.02 13.38 -3.44
N GLN B 3 -39.99 12.57 -3.27
CA GLN B 3 -39.74 11.93 -1.98
C GLN B 3 -38.27 11.68 -1.70
N LEU B 4 -37.82 12.08 -0.51
CA LEU B 4 -36.44 11.89 -0.03
C LEU B 4 -36.55 11.05 1.24
N GLN B 5 -36.28 9.75 1.15
CA GLN B 5 -36.37 8.89 2.32
C GLN B 5 -34.99 8.58 2.91
N GLN B 6 -34.77 9.03 4.14
CA GLN B 6 -33.50 8.84 4.83
C GLN B 6 -33.36 7.52 5.60
N SER B 7 -32.15 7.21 6.01
CA SER B 7 -31.91 5.98 6.75
C SER B 7 -32.42 6.12 8.20
N GLY B 8 -32.61 4.98 8.87
CA GLY B 8 -33.12 4.96 10.24
C GLY B 8 -32.25 5.56 11.31
N PRO B 9 -32.75 5.65 12.55
CA PRO B 9 -32.02 6.23 13.69
C PRO B 9 -30.80 5.39 13.96
N ASP B 10 -29.74 6.00 14.45
CA ASP B 10 -28.51 5.25 14.64
C ASP B 10 -27.85 5.55 15.95
N LEU B 11 -27.15 4.56 16.51
CA LEU B 11 -26.41 4.75 17.76
C LEU B 11 -24.95 4.37 17.53
N VAL B 12 -24.03 5.29 17.81
CA VAL B 12 -22.63 4.99 17.61
C VAL B 12 -21.78 5.60 18.73
N LYS B 13 -20.68 4.90 19.06
CA LYS B 13 -19.74 5.32 20.11
C LYS B 13 -18.82 6.42 19.60
N PRO B 14 -18.43 7.36 20.50
CA PRO B 14 -17.54 8.46 20.12
C PRO B 14 -16.30 7.96 19.39
N GLY B 15 -15.79 8.81 18.51
CA GLY B 15 -14.62 8.44 17.73
C GLY B 15 -15.02 7.65 16.50
N ALA B 16 -16.23 7.13 16.45
CA ALA B 16 -16.61 6.38 15.26
C ALA B 16 -17.00 7.33 14.12
N SER B 17 -17.51 6.76 13.05
CA SER B 17 -17.97 7.52 11.90
C SER B 17 -19.23 6.82 11.40
N VAL B 18 -20.12 7.56 10.71
CA VAL B 18 -21.37 7.00 10.18
C VAL B 18 -21.68 7.62 8.84
N LYS B 19 -22.38 6.87 8.00
CA LYS B 19 -22.78 7.36 6.69
C LYS B 19 -24.30 7.28 6.65
N ILE B 20 -24.97 8.44 6.66
CA ILE B 20 -26.42 8.43 6.60
C ILE B 20 -26.81 8.63 5.12
N SER B 21 -27.82 7.92 4.64
CA SER B 21 -28.21 8.03 3.24
C SER B 21 -29.54 8.76 3.07
N CYS B 22 -29.72 9.40 1.92
CA CYS B 22 -30.91 10.17 1.63
C CYS B 22 -31.42 9.83 0.22
N LYS B 23 -32.27 8.81 0.13
CA LYS B 23 -32.80 8.33 -1.14
C LYS B 23 -33.83 9.26 -1.78
N ALA B 24 -33.51 9.74 -2.97
CA ALA B 24 -34.36 10.66 -3.72
C ALA B 24 -35.23 9.92 -4.74
N SER B 25 -36.43 10.43 -4.97
CA SER B 25 -37.37 9.85 -5.92
C SER B 25 -38.41 10.89 -6.34
N GLY B 26 -39.08 10.63 -7.46
CA GLY B 26 -40.11 11.52 -7.95
C GLY B 26 -39.66 12.72 -8.75
N TYR B 27 -38.40 12.75 -9.21
CA TYR B 27 -37.87 13.86 -10.00
C TYR B 27 -36.52 13.53 -10.61
N SER B 28 -35.95 14.46 -11.37
CA SER B 28 -34.64 14.24 -11.99
C SER B 28 -33.62 14.52 -10.90
N PHE B 29 -33.00 13.47 -10.38
CA PHE B 29 -32.04 13.62 -9.29
C PHE B 29 -30.88 14.59 -9.49
N SER B 30 -30.19 14.44 -10.61
CA SER B 30 -29.03 15.27 -10.92
C SER B 30 -29.30 16.75 -11.19
N THR B 31 -30.57 17.13 -11.20
CA THR B 31 -30.91 18.50 -11.48
C THR B 31 -31.12 19.41 -10.28
N TYR B 32 -30.90 18.89 -9.07
CA TYR B 32 -31.05 19.69 -7.83
C TYR B 32 -29.91 19.43 -6.88
N TYR B 33 -29.44 20.49 -6.23
CA TYR B 33 -28.35 20.37 -5.27
C TYR B 33 -28.97 19.78 -4.01
N MET B 34 -28.25 18.87 -3.35
CA MET B 34 -28.75 18.26 -2.12
C MET B 34 -28.01 18.88 -0.95
N HIS B 35 -28.77 19.52 -0.06
CA HIS B 35 -28.20 20.16 1.11
C HIS B 35 -28.45 19.31 2.33
N TRP B 36 -27.56 19.45 3.32
CA TRP B 36 -27.65 18.73 4.58
C TRP B 36 -27.71 19.73 5.71
N VAL B 37 -28.75 19.63 6.52
CA VAL B 37 -29.02 20.54 7.65
C VAL B 37 -28.93 19.76 8.97
N LYS B 38 -28.61 20.44 10.06
CA LYS B 38 -28.49 19.80 11.37
C LYS B 38 -29.39 20.46 12.39
N GLN B 39 -30.11 19.65 13.18
CA GLN B 39 -30.96 20.15 14.24
C GLN B 39 -30.55 19.54 15.60
N SER B 40 -29.84 20.33 16.41
CA SER B 40 -29.38 19.89 17.71
C SER B 40 -30.53 19.92 18.65
N HIS B 41 -30.79 18.77 19.26
CA HIS B 41 -31.89 18.61 20.22
C HIS B 41 -32.19 19.88 21.03
N GLY B 42 -33.40 20.41 20.84
CA GLY B 42 -33.80 21.62 21.54
C GLY B 42 -33.34 22.91 20.91
N LYS B 43 -32.24 22.85 20.16
CA LYS B 43 -31.69 24.02 19.50
C LYS B 43 -32.23 24.36 18.08
N SER B 44 -31.58 25.30 17.42
CA SER B 44 -32.01 25.69 16.08
C SER B 44 -31.33 24.81 15.03
N LEU B 45 -31.66 25.12 13.77
CA LEU B 45 -31.16 24.45 12.59
C LEU B 45 -29.82 25.06 12.22
N GLU B 46 -28.93 24.25 11.68
CA GLU B 46 -27.61 24.71 11.31
C GLU B 46 -27.24 24.01 10.01
N TRP B 47 -26.96 24.80 8.97
CA TRP B 47 -26.62 24.27 7.65
C TRP B 47 -25.23 23.67 7.59
N ILE B 48 -25.11 22.50 6.96
CA ILE B 48 -23.85 21.77 6.82
C ILE B 48 -23.17 21.99 5.47
N GLY B 49 -23.84 21.66 4.37
CA GLY B 49 -23.23 21.85 3.07
C GLY B 49 -24.19 21.44 1.97
N ARG B 50 -23.75 21.51 0.71
CA ARG B 50 -24.59 21.11 -0.43
C ARG B 50 -23.76 20.25 -1.39
N VAL B 51 -24.41 19.63 -2.35
CA VAL B 51 -23.71 18.81 -3.35
C VAL B 51 -24.46 18.81 -4.68
N ASP B 52 -23.68 19.00 -5.73
CA ASP B 52 -24.17 18.90 -7.08
C ASP B 52 -24.17 17.45 -7.55
N PRO B 53 -25.31 16.78 -7.52
CA PRO B 53 -25.36 15.34 -7.83
C PRO B 53 -24.84 15.03 -9.23
N ASP B 54 -24.67 16.07 -10.02
CA ASP B 54 -24.24 15.90 -11.43
C ASP B 54 -22.73 15.81 -11.57
N ASN B 55 -22.01 16.67 -10.86
CA ASN B 55 -20.56 16.70 -10.97
C ASN B 55 -19.81 16.48 -9.65
N GLY B 56 -20.58 16.16 -8.60
CA GLY B 56 -20.01 15.91 -7.27
C GLY B 56 -19.40 17.10 -6.56
N GLY B 57 -19.79 18.32 -6.95
CA GLY B 57 -19.23 19.50 -6.34
C GLY B 57 -19.93 19.89 -5.07
N THR B 58 -19.16 20.34 -4.08
CA THR B 58 -19.73 20.71 -2.80
C THR B 58 -19.40 22.14 -2.39
N SER B 59 -20.43 22.72 -1.69
CA SER B 59 -20.23 23.93 -0.88
C SER B 59 -20.52 23.63 0.60
N PHE B 60 -19.62 24.11 1.45
CA PHE B 60 -19.70 23.81 2.90
C PHE B 60 -19.74 25.05 3.80
N ASN B 61 -20.21 24.78 5.03
CA ASN B 61 -20.22 25.76 6.11
C ASN B 61 -18.99 25.58 6.99
N GLN B 62 -17.99 26.32 6.62
CA GLN B 62 -16.64 26.22 7.18
C GLN B 62 -16.52 25.36 8.43
N LYS B 63 -17.49 25.49 9.31
CA LYS B 63 -17.55 24.77 10.57
C LYS B 63 -17.69 23.26 10.40
N PHE B 64 -18.08 22.81 9.22
CA PHE B 64 -18.27 21.37 8.98
C PHE B 64 -17.30 20.75 7.99
N LYS B 65 -16.36 21.55 7.48
CA LYS B 65 -15.39 21.05 6.51
C LYS B 65 -14.61 19.78 6.91
N GLY B 66 -14.14 19.68 8.15
CA GLY B 66 -13.43 18.47 8.54
C GLY B 66 -14.33 17.32 8.99
N LYS B 67 -15.64 17.56 9.17
CA LYS B 67 -16.53 16.51 9.63
C LYS B 67 -17.38 15.81 8.59
N ALA B 68 -18.06 16.57 7.74
CA ALA B 68 -18.94 15.97 6.73
C ALA B 68 -18.23 15.71 5.44
N ILE B 69 -18.58 14.61 4.78
CA ILE B 69 -17.99 14.24 3.51
C ILE B 69 -19.16 13.86 2.66
N LEU B 70 -19.59 14.81 1.85
CA LEU B 70 -20.74 14.64 0.99
C LEU B 70 -20.40 13.94 -0.32
N THR B 71 -21.18 12.92 -0.65
CA THR B 71 -21.02 12.15 -1.87
C THR B 71 -22.39 11.84 -2.41
N VAL B 72 -22.42 11.38 -3.65
CA VAL B 72 -23.66 11.04 -4.32
C VAL B 72 -23.46 9.83 -5.23
N ASP B 73 -24.52 9.05 -5.42
CA ASP B 73 -24.50 7.91 -6.32
C ASP B 73 -25.65 8.15 -7.27
N LYS B 74 -25.30 8.60 -8.47
CA LYS B 74 -26.30 8.90 -9.49
C LYS B 74 -27.05 7.62 -9.90
N SER B 75 -26.33 6.50 -9.92
CA SER B 75 -26.88 5.19 -10.26
C SER B 75 -28.18 4.87 -9.56
N SER B 76 -28.35 5.34 -8.33
CA SER B 76 -29.58 5.04 -7.61
C SER B 76 -30.32 6.25 -7.07
N SER B 77 -29.82 7.44 -7.37
CA SER B 77 -30.43 8.68 -6.90
C SER B 77 -30.33 8.75 -5.39
N THR B 78 -29.14 8.46 -4.87
CA THR B 78 -28.91 8.49 -3.44
C THR B 78 -27.80 9.45 -3.06
N ALA B 79 -28.03 10.23 -2.00
CA ALA B 79 -27.07 11.20 -1.50
C ALA B 79 -26.64 10.77 -0.10
N TYR B 80 -25.34 10.81 0.18
CA TYR B 80 -24.78 10.42 1.47
C TYR B 80 -24.03 11.55 2.14
N MET B 81 -23.86 11.34 3.42
CA MET B 81 -23.15 12.24 4.30
C MET B 81 -22.53 11.42 5.43
N GLU B 82 -21.22 11.38 5.40
CA GLU B 82 -20.45 10.65 6.39
C GLU B 82 -19.96 11.59 7.45
N LEU B 83 -19.99 11.18 8.71
CA LEU B 83 -19.49 12.03 9.78
C LEU B 83 -18.30 11.35 10.43
N GLY B 84 -17.16 12.04 10.44
CA GLY B 84 -15.95 11.51 11.02
C GLY B 84 -15.69 12.12 12.37
N SER B 85 -14.82 11.49 13.16
CA SER B 85 -14.45 11.97 14.48
C SER B 85 -15.67 12.42 15.31
N LEU B 86 -16.58 11.49 15.56
CA LEU B 86 -17.81 11.83 16.30
C LEU B 86 -17.68 12.08 17.79
N THR B 87 -18.50 12.99 18.30
CA THR B 87 -18.52 13.33 19.72
C THR B 87 -19.97 13.51 20.11
N SER B 88 -20.24 13.66 21.41
CA SER B 88 -21.60 13.83 21.90
C SER B 88 -22.29 15.01 21.25
N GLU B 89 -21.53 16.05 20.96
CA GLU B 89 -22.06 17.26 20.34
C GLU B 89 -22.56 16.97 18.94
N ASP B 90 -22.32 15.75 18.47
CA ASP B 90 -22.76 15.35 17.15
C ASP B 90 -24.10 14.70 17.14
N SER B 91 -24.65 14.50 18.34
CA SER B 91 -25.96 13.90 18.49
C SER B 91 -27.00 14.96 18.15
N ALA B 92 -27.71 14.74 17.06
CA ALA B 92 -28.71 15.68 16.62
C ALA B 92 -29.51 14.99 15.56
N VAL B 93 -30.50 15.69 15.01
CA VAL B 93 -31.31 15.14 13.94
C VAL B 93 -30.75 15.75 12.66
N TYR B 94 -30.44 14.89 11.70
CA TYR B 94 -29.87 15.33 10.43
C TYR B 94 -30.87 15.19 9.29
N TYR B 95 -31.03 16.25 8.51
CA TYR B 95 -31.97 16.26 7.38
C TYR B 95 -31.22 16.48 6.07
N CYS B 96 -31.90 16.09 5.02
CA CYS B 96 -31.44 16.25 3.65
C CYS B 96 -32.55 16.96 2.90
N ALA B 97 -32.25 18.16 2.45
CA ALA B 97 -33.24 18.99 1.77
C ALA B 97 -32.80 19.39 0.36
N ARG B 98 -33.78 19.55 -0.50
CA ARG B 98 -33.55 19.92 -1.88
C ARG B 98 -33.76 21.39 -1.96
N ARG B 99 -32.87 22.07 -2.70
CA ARG B 99 -33.00 23.49 -2.88
C ARG B 99 -33.50 23.72 -4.31
N ASP B 100 -34.30 24.76 -4.53
CA ASP B 100 -34.86 25.03 -5.85
C ASP B 100 -34.61 26.46 -6.38
N ASP B 101 -33.44 26.97 -6.11
CA ASP B 101 -33.01 28.29 -6.60
C ASP B 101 -33.70 29.43 -5.82
N TYR B 102 -34.10 29.09 -4.61
CA TYR B 102 -34.70 30.05 -3.67
C TYR B 102 -34.65 29.47 -2.25
N TYR B 103 -35.25 28.27 -2.04
CA TYR B 103 -35.29 27.69 -0.70
C TYR B 103 -35.42 26.19 -0.76
N PHE B 104 -35.45 25.58 0.46
CA PHE B 104 -35.58 24.14 0.65
C PHE B 104 -37.01 23.72 0.47
N ASP B 105 -37.34 23.25 -0.73
CA ASP B 105 -38.70 22.86 -1.05
C ASP B 105 -39.10 21.42 -0.76
N PHE B 106 -38.13 20.57 -0.43
CA PHE B 106 -38.42 19.19 -0.09
C PHE B 106 -37.38 18.67 0.91
N TRP B 107 -37.84 18.03 1.97
CA TRP B 107 -36.96 17.56 3.03
C TRP B 107 -37.21 16.10 3.33
N GLY B 108 -36.16 15.40 3.76
CA GLY B 108 -36.32 14.02 4.14
C GLY B 108 -36.95 14.01 5.51
N GLN B 109 -37.27 12.83 6.03
CA GLN B 109 -37.92 12.75 7.34
C GLN B 109 -36.91 12.94 8.46
N GLY B 110 -35.63 12.99 8.10
CA GLY B 110 -34.61 13.19 9.10
C GLY B 110 -34.03 11.91 9.65
N THR B 111 -32.84 12.04 10.25
CA THR B 111 -32.15 10.90 10.84
C THR B 111 -31.61 11.22 12.24
N SER B 112 -32.21 10.58 13.23
CA SER B 112 -31.81 10.80 14.60
C SER B 112 -30.48 10.09 14.87
N LEU B 113 -29.46 10.86 15.25
CA LEU B 113 -28.14 10.31 15.52
C LEU B 113 -27.78 10.50 16.97
N THR B 114 -27.40 9.41 17.62
CA THR B 114 -26.97 9.41 19.02
C THR B 114 -25.53 8.85 19.08
N VAL B 115 -24.61 9.67 19.59
CA VAL B 115 -23.19 9.33 19.76
C VAL B 115 -23.03 9.18 21.26
N SER B 116 -22.89 7.95 21.75
CA SER B 116 -22.79 7.75 23.19
C SER B 116 -21.97 6.54 23.55
N SER B 117 -21.42 6.56 24.76
CA SER B 117 -20.63 5.44 25.26
C SER B 117 -21.54 4.40 25.93
N ALA B 118 -22.81 4.78 26.16
CA ALA B 118 -23.78 3.89 26.80
C ALA B 118 -24.21 2.67 25.97
N LYS B 119 -24.59 1.61 26.68
CA LYS B 119 -24.99 0.36 26.06
C LYS B 119 -26.50 0.22 25.87
N THR B 120 -26.91 -0.31 24.73
CA THR B 120 -28.34 -0.48 24.46
C THR B 120 -29.00 -1.44 25.46
N THR B 121 -30.10 -1.00 26.05
CA THR B 121 -30.79 -1.81 27.04
C THR B 121 -32.25 -2.02 26.72
N PRO B 122 -32.71 -3.31 26.66
CA PRO B 122 -34.13 -3.56 26.46
C PRO B 122 -35.00 -2.95 27.56
N PRO B 123 -36.13 -2.34 27.26
CA PRO B 123 -36.94 -1.73 28.33
C PRO B 123 -37.65 -2.78 29.20
N SER B 124 -38.10 -2.27 30.31
CA SER B 124 -38.92 -3.03 31.26
C SER B 124 -40.26 -2.32 31.31
N VAL B 125 -41.29 -3.03 30.89
CA VAL B 125 -42.63 -2.46 30.80
C VAL B 125 -43.55 -2.89 31.95
N TYR B 126 -44.14 -1.92 32.64
CA TYR B 126 -45.02 -2.21 33.76
C TYR B 126 -46.38 -1.53 33.57
N PRO B 127 -47.48 -2.27 33.73
CA PRO B 127 -48.85 -1.77 33.58
C PRO B 127 -49.23 -1.01 34.84
N LEU B 128 -49.89 0.13 34.67
CA LEU B 128 -50.33 0.94 35.80
C LEU B 128 -51.85 0.91 35.90
N ALA B 129 -52.33 -0.04 36.68
CA ALA B 129 -53.76 -0.18 36.91
C ALA B 129 -54.12 0.68 38.12
N PRO B 130 -55.27 1.35 38.12
CA PRO B 130 -55.62 2.18 39.28
C PRO B 130 -55.72 1.37 40.58
N VAL B 131 -55.39 2.00 41.67
CA VAL B 131 -55.47 1.34 42.94
C VAL B 131 -56.95 1.15 43.38
N CYS B 132 -57.42 -0.08 43.18
CA CYS B 132 -58.77 -0.55 43.60
C CYS B 132 -59.91 0.46 43.36
N GLY B 133 -59.95 1.05 42.19
CA GLY B 133 -60.98 2.06 41.89
C GLY B 133 -60.25 3.32 41.36
N GLY B 134 -60.19 4.34 42.22
CA GLY B 134 -59.45 5.61 41.98
C GLY B 134 -60.08 6.51 40.89
N THR B 135 -59.24 6.74 39.88
CA THR B 135 -59.49 7.61 38.69
C THR B 135 -60.97 8.02 38.52
N THR B 136 -61.13 9.23 37.96
CA THR B 136 -62.45 9.84 37.72
C THR B 136 -62.51 10.74 36.48
N GLY B 137 -61.35 11.22 36.02
CA GLY B 137 -61.31 12.09 34.84
C GLY B 137 -61.80 11.39 33.60
N SER B 138 -63.05 11.67 33.20
CA SER B 138 -63.66 11.03 32.05
C SER B 138 -63.74 9.50 32.33
N SER B 139 -63.72 9.22 33.63
CA SER B 139 -63.89 7.87 34.25
C SER B 139 -62.82 6.79 33.85
N VAL B 140 -61.81 6.68 34.75
CA VAL B 140 -60.75 5.60 34.79
C VAL B 140 -59.59 5.68 33.74
N THR B 141 -58.47 6.27 34.22
CA THR B 141 -57.16 6.44 33.48
C THR B 141 -56.18 5.31 33.79
N LEU B 142 -55.59 4.75 32.75
CA LEU B 142 -54.66 3.65 32.92
C LEU B 142 -53.28 4.08 32.51
N GLY B 143 -52.30 3.28 32.85
CA GLY B 143 -50.95 3.65 32.51
C GLY B 143 -50.14 2.46 32.05
N CYS B 144 -48.96 2.84 31.60
CA CYS B 144 -47.93 1.94 31.08
C CYS B 144 -46.58 2.62 31.19
N LEU B 145 -45.80 2.14 32.15
CA LEU B 145 -44.47 2.68 32.44
C LEU B 145 -43.40 1.89 31.71
N VAL B 146 -42.65 2.57 30.85
CA VAL B 146 -41.57 1.97 30.06
C VAL B 146 -40.26 2.46 30.70
N LYS B 147 -39.62 1.57 31.44
CA LYS B 147 -38.43 1.94 32.22
C LYS B 147 -37.16 1.14 31.86
N GLY B 148 -36.07 1.87 32.04
CA GLY B 148 -34.68 1.39 31.90
C GLY B 148 -34.32 0.84 30.50
N TYR B 149 -34.42 1.70 29.49
CA TYR B 149 -34.02 1.36 28.12
C TYR B 149 -33.06 2.46 27.68
N PHE B 150 -32.21 2.21 26.70
CA PHE B 150 -31.31 3.31 26.31
C PHE B 150 -31.59 3.87 24.91
N PRO B 151 -31.51 3.07 23.83
CA PRO B 151 -31.82 3.69 22.53
C PRO B 151 -33.17 4.41 22.54
N GLU B 152 -33.04 5.70 22.61
CA GLU B 152 -34.19 6.62 22.75
C GLU B 152 -35.46 6.17 22.01
N PRO B 153 -35.43 5.88 20.69
CA PRO B 153 -36.65 5.56 19.94
C PRO B 153 -37.35 4.32 20.49
N VAL B 154 -38.53 4.53 21.08
CA VAL B 154 -39.39 3.44 21.60
C VAL B 154 -40.81 3.83 21.17
N THR B 155 -41.58 2.86 20.70
CA THR B 155 -42.95 3.13 20.23
C THR B 155 -44.00 2.56 21.17
N LEU B 156 -45.01 3.37 21.55
CA LEU B 156 -46.06 2.90 22.45
C LEU B 156 -47.44 3.14 21.85
N THR B 157 -48.23 2.06 21.66
CA THR B 157 -49.60 2.19 21.19
C THR B 157 -50.50 1.46 22.18
N TRP B 158 -51.80 1.66 22.08
CA TRP B 158 -52.73 0.99 22.97
C TRP B 158 -53.61 0.15 22.09
N ASN B 159 -53.95 -1.05 22.55
CA ASN B 159 -54.76 -1.98 21.78
C ASN B 159 -54.33 -1.96 20.32
N SER B 160 -53.04 -2.18 20.11
CA SER B 160 -52.45 -2.21 18.78
C SER B 160 -52.83 -1.03 17.90
N GLY B 161 -52.99 0.14 18.51
CA GLY B 161 -53.33 1.34 17.77
C GLY B 161 -54.78 1.75 17.71
N SER B 162 -55.68 0.84 18.06
CA SER B 162 -57.10 1.11 18.05
C SER B 162 -57.45 2.25 19.02
N LEU B 163 -56.97 2.17 20.26
CA LEU B 163 -57.25 3.22 21.23
C LEU B 163 -56.33 4.36 20.85
N SER B 164 -56.89 5.47 20.41
CA SER B 164 -56.07 6.60 20.01
C SER B 164 -56.46 7.93 20.64
N SER B 165 -57.66 7.99 21.21
CA SER B 165 -58.10 9.21 21.84
C SER B 165 -57.99 9.04 23.35
N GLY B 166 -57.53 10.09 24.04
CA GLY B 166 -57.36 10.05 25.48
C GLY B 166 -55.97 9.65 25.87
N VAL B 167 -55.12 9.36 24.88
CA VAL B 167 -53.74 8.92 25.10
C VAL B 167 -52.74 10.06 25.25
N HIS B 168 -51.88 9.98 26.26
CA HIS B 168 -50.82 10.97 26.46
C HIS B 168 -49.48 10.27 26.69
N THR B 169 -48.73 10.11 25.62
CA THR B 169 -47.39 9.49 25.70
C THR B 169 -46.39 10.58 26.05
N PHE B 170 -45.78 10.40 27.21
CA PHE B 170 -44.85 11.39 27.76
C PHE B 170 -43.43 11.21 27.18
N PRO B 171 -42.77 12.33 26.83
CA PRO B 171 -41.42 12.26 26.25
C PRO B 171 -40.43 11.72 27.27
N ALA B 172 -39.51 10.89 26.78
CA ALA B 172 -38.48 10.24 27.60
C ALA B 172 -37.56 11.19 28.34
N VAL B 173 -37.07 10.73 29.48
CA VAL B 173 -36.15 11.53 30.30
C VAL B 173 -34.91 10.70 30.61
N LEU B 174 -33.76 11.16 30.13
CA LEU B 174 -32.50 10.46 30.33
C LEU B 174 -32.04 10.53 31.78
N GLN B 175 -31.84 9.37 32.38
CA GLN B 175 -31.38 9.29 33.76
C GLN B 175 -30.25 8.29 33.82
N SER B 176 -29.04 8.76 34.10
CA SER B 176 -27.88 7.87 34.20
C SER B 176 -27.69 7.03 32.94
N GLY B 177 -27.84 7.64 31.77
CA GLY B 177 -27.66 6.88 30.55
C GLY B 177 -28.73 5.82 30.25
N LEU B 178 -29.90 5.93 30.89
CA LEU B 178 -31.05 5.03 30.68
C LEU B 178 -32.28 5.92 30.67
N TYR B 179 -33.14 5.79 29.65
CA TYR B 179 -34.34 6.62 29.56
C TYR B 179 -35.53 5.95 30.23
N THR B 180 -36.47 6.79 30.68
CA THR B 180 -37.71 6.33 31.26
C THR B 180 -38.84 7.09 30.56
N LEU B 181 -39.90 6.37 30.21
CA LEU B 181 -41.04 6.92 29.53
C LEU B 181 -42.38 6.35 30.08
N SER B 182 -43.46 7.10 29.98
CA SER B 182 -44.78 6.63 30.46
C SER B 182 -45.88 7.17 29.58
N SER B 183 -46.95 6.40 29.49
CA SER B 183 -48.11 6.74 28.68
C SER B 183 -49.39 6.47 29.44
N SER B 184 -50.39 7.33 29.26
CA SER B 184 -51.69 7.14 29.88
C SER B 184 -52.79 7.06 28.83
N VAL B 185 -53.92 6.50 29.23
CA VAL B 185 -55.07 6.39 28.36
C VAL B 185 -56.26 6.52 29.28
N THR B 186 -57.08 7.48 28.96
CA THR B 186 -58.30 7.73 29.72
C THR B 186 -59.51 7.17 28.99
N VAL B 187 -59.93 6.02 29.44
CA VAL B 187 -61.03 5.34 28.80
C VAL B 187 -62.28 5.50 29.62
N THR B 188 -63.38 5.20 28.95
CA THR B 188 -64.71 5.24 29.54
C THR B 188 -64.84 4.17 30.61
N SER B 189 -65.41 4.50 31.75
CA SER B 189 -65.53 3.54 32.85
C SER B 189 -66.23 2.21 32.54
N SER B 190 -67.16 2.21 31.60
CA SER B 190 -67.86 0.98 31.28
C SER B 190 -67.01 0.17 30.32
N THR B 191 -65.95 0.79 29.82
CA THR B 191 -65.05 0.18 28.86
C THR B 191 -63.93 -0.68 29.47
N TRP B 192 -63.32 -0.23 30.55
CA TRP B 192 -62.11 -0.93 31.03
C TRP B 192 -62.29 -2.37 31.61
N PRO B 193 -62.55 -2.65 32.92
CA PRO B 193 -62.46 -4.04 33.40
C PRO B 193 -63.15 -4.99 32.44
N SER B 194 -64.26 -4.54 31.86
CA SER B 194 -65.01 -5.31 30.89
C SER B 194 -64.24 -5.65 29.60
N GLN B 195 -63.67 -4.65 28.96
CA GLN B 195 -62.92 -4.90 27.73
C GLN B 195 -61.41 -4.96 27.97
N THR B 196 -60.69 -5.52 27.01
CA THR B 196 -59.23 -5.65 27.09
C THR B 196 -58.48 -4.43 26.62
N ILE B 197 -57.60 -3.94 27.48
CA ILE B 197 -56.75 -2.79 27.20
C ILE B 197 -55.32 -3.29 27.29
N THR B 198 -54.56 -3.12 26.22
CA THR B 198 -53.18 -3.61 26.19
C THR B 198 -52.26 -2.50 25.72
N CYS B 199 -51.16 -2.21 26.40
CA CYS B 199 -50.23 -1.19 25.88
C CYS B 199 -49.08 -1.94 25.23
N ASN B 200 -48.84 -1.60 23.97
CA ASN B 200 -47.79 -2.22 23.16
C ASN B 200 -46.52 -1.37 23.10
N VAL B 201 -45.38 -1.97 23.41
CA VAL B 201 -44.12 -1.22 23.38
C VAL B 201 -43.14 -1.91 22.46
N ALA B 202 -42.56 -1.12 21.57
CA ALA B 202 -41.60 -1.64 20.61
C ALA B 202 -40.30 -0.85 20.74
N HIS B 203 -39.22 -1.59 20.90
CA HIS B 203 -37.90 -1.00 21.01
C HIS B 203 -36.99 -1.75 20.06
N PRO B 204 -36.96 -1.28 18.80
CA PRO B 204 -36.17 -1.82 17.70
C PRO B 204 -34.71 -2.03 18.05
N ALA B 205 -34.10 -1.07 18.70
CA ALA B 205 -32.68 -1.17 19.02
C ALA B 205 -32.31 -2.50 19.66
N SER B 206 -33.19 -3.01 20.51
CA SER B 206 -32.96 -4.27 21.21
C SER B 206 -33.82 -5.40 20.70
N SER B 207 -34.60 -5.14 19.67
CA SER B 207 -35.46 -6.18 19.12
C SER B 207 -36.56 -6.63 20.11
N THR B 208 -37.02 -5.74 20.99
CA THR B 208 -38.07 -6.17 21.88
C THR B 208 -39.40 -5.57 21.49
N LYS B 209 -40.40 -6.39 21.71
CA LYS B 209 -41.80 -6.09 21.43
C LYS B 209 -42.64 -6.67 22.56
N VAL B 210 -43.06 -5.77 23.44
CA VAL B 210 -43.84 -6.14 24.61
C VAL B 210 -45.31 -5.70 24.48
N ASP B 211 -46.17 -6.68 24.68
CA ASP B 211 -47.63 -6.49 24.71
C ASP B 211 -48.07 -6.68 26.16
N LYS B 212 -48.43 -5.58 26.79
CA LYS B 212 -48.74 -5.60 28.22
C LYS B 212 -50.19 -5.31 28.58
N LYS B 213 -50.94 -6.35 28.91
CA LYS B 213 -52.35 -6.25 29.29
C LYS B 213 -52.58 -5.70 30.72
N ILE B 214 -53.36 -4.63 30.83
CA ILE B 214 -53.68 -4.01 32.12
C ILE B 214 -54.82 -4.76 32.82
N GLU B 215 -54.48 -5.51 33.86
CA GLU B 215 -55.46 -6.27 34.63
C GLU B 215 -55.66 -5.50 35.95
N PRO B 216 -56.83 -5.64 36.57
CA PRO B 216 -57.01 -4.91 37.82
C PRO B 216 -56.21 -5.61 38.90
N ARG B 217 -55.80 -4.86 39.91
CA ARG B 217 -55.02 -5.43 41.00
C ARG B 217 -55.91 -6.37 41.83
N GLN C 1 60.44 -3.20 -37.64
CA GLN C 1 59.60 -3.40 -36.43
C GLN C 1 59.11 -2.07 -35.85
N SER C 2 58.21 -1.40 -36.58
CA SER C 2 57.64 -0.16 -36.09
C SER C 2 56.85 -0.54 -34.85
N VAL C 3 57.08 0.15 -33.74
CA VAL C 3 56.32 -0.15 -32.54
C VAL C 3 54.99 0.59 -32.73
N LEU C 4 53.89 -0.06 -32.38
CA LEU C 4 52.60 0.61 -32.52
C LEU C 4 52.06 0.81 -31.11
N SER C 5 51.77 2.06 -30.76
CA SER C 5 51.21 2.36 -29.46
C SER C 5 49.71 2.60 -29.62
N GLN C 6 48.92 2.10 -28.69
CA GLN C 6 47.48 2.24 -28.76
C GLN C 6 46.99 3.03 -27.55
N SER C 7 46.19 4.06 -27.81
CA SER C 7 45.80 4.99 -26.74
C SER C 7 44.89 4.41 -25.67
N PRO C 8 43.54 4.57 -25.64
CA PRO C 8 42.89 4.07 -24.43
C PRO C 8 43.29 2.63 -24.10
N ALA C 9 44.11 2.58 -23.11
CA ALA C 9 44.53 1.29 -22.58
C ALA C 9 43.23 0.57 -22.25
N ILE C 10 42.42 1.33 -21.53
CA ILE C 10 41.09 0.90 -21.11
C ILE C 10 40.05 1.97 -21.42
N LEU C 11 39.07 1.62 -22.24
CA LEU C 11 38.05 2.58 -22.61
C LEU C 11 36.65 2.24 -22.08
N SER C 12 36.17 3.01 -21.12
CA SER C 12 34.85 2.77 -20.58
C SER C 12 33.89 3.65 -21.36
N ALA C 13 32.99 2.99 -22.06
CA ALA C 13 32.01 3.70 -22.86
C ALA C 13 30.61 3.20 -22.56
N SER C 14 29.64 4.12 -22.56
CA SER C 14 28.24 3.78 -22.33
C SER C 14 27.64 3.38 -23.66
N PRO C 15 26.65 2.49 -23.65
CA PRO C 15 26.09 2.14 -24.94
C PRO C 15 25.46 3.39 -25.57
N GLY C 16 25.70 3.56 -26.86
CA GLY C 16 25.16 4.69 -27.60
C GLY C 16 26.07 5.86 -27.91
N GLU C 17 27.26 5.92 -27.33
CA GLU C 17 28.10 7.06 -27.62
C GLU C 17 29.20 6.76 -28.60
N LYS C 18 29.70 7.80 -29.25
CA LYS C 18 30.76 7.72 -30.27
C LYS C 18 32.10 7.59 -29.61
N VAL C 19 32.77 6.50 -29.93
CA VAL C 19 34.07 6.21 -29.35
C VAL C 19 35.16 6.21 -30.42
N ILE C 20 36.33 6.67 -30.01
CA ILE C 20 37.52 6.73 -30.87
C ILE C 20 38.71 6.15 -30.12
N MET C 21 39.41 5.23 -30.76
CA MET C 21 40.58 4.65 -30.15
C MET C 21 41.70 4.73 -31.18
N THR C 22 42.84 5.27 -30.74
CA THR C 22 43.99 5.47 -31.61
C THR C 22 45.11 4.45 -31.53
N CYS C 23 45.88 4.42 -32.61
CA CYS C 23 47.04 3.56 -32.78
C CYS C 23 48.11 4.44 -33.44
N SER C 24 49.38 4.26 -33.07
CA SER C 24 50.46 5.08 -33.62
C SER C 24 51.77 4.32 -33.83
N PRO C 25 52.26 4.27 -35.07
CA PRO C 25 53.53 3.60 -35.32
C PRO C 25 54.73 4.55 -35.21
N SER C 26 55.78 4.07 -34.61
CA SER C 26 57.00 4.84 -34.43
C SER C 26 57.53 5.31 -35.77
N SER C 27 57.00 4.74 -36.84
CA SER C 27 57.44 5.05 -38.18
C SER C 27 56.25 5.17 -39.13
N SER C 28 56.50 5.50 -40.39
CA SER C 28 55.43 5.64 -41.37
C SER C 28 54.92 4.27 -41.81
N VAL C 29 53.59 4.12 -41.81
CA VAL C 29 52.89 2.90 -42.20
C VAL C 29 51.98 3.26 -43.37
N SER C 30 51.94 2.40 -44.39
CA SER C 30 51.10 2.66 -45.56
C SER C 30 49.66 2.22 -45.34
N TYR C 31 49.48 0.96 -44.90
CA TYR C 31 48.16 0.38 -44.63
C TYR C 31 48.16 -0.20 -43.22
N MET C 32 47.11 0.06 -42.46
CA MET C 32 47.00 -0.44 -41.09
C MET C 32 45.86 -1.44 -40.99
N GLN C 33 46.04 -2.51 -40.22
CA GLN C 33 45.00 -3.53 -40.05
C GLN C 33 44.52 -3.53 -38.61
N TRP C 34 43.32 -3.95 -38.41
CA TRP C 34 42.76 -4.05 -37.07
C TRP C 34 42.06 -5.38 -36.85
N TYR C 35 42.19 -5.94 -35.67
CA TYR C 35 41.55 -7.21 -35.31
C TYR C 35 40.81 -6.99 -34.00
N GLN C 36 39.83 -7.84 -33.74
CA GLN C 36 39.05 -7.73 -32.52
C GLN C 36 39.16 -9.06 -31.84
N GLN C 37 39.34 -9.05 -30.53
CA GLN C 37 39.43 -10.30 -29.82
C GLN C 37 38.66 -10.25 -28.51
N LYS C 38 37.73 -11.17 -28.43
CA LYS C 38 36.90 -11.38 -27.25
C LYS C 38 37.56 -12.47 -26.42
N PRO C 39 37.38 -12.49 -25.10
CA PRO C 39 38.06 -13.48 -24.25
C PRO C 39 37.68 -14.92 -24.60
N GLY C 40 38.72 -15.73 -24.83
CA GLY C 40 38.51 -17.12 -25.17
C GLY C 40 38.18 -17.32 -26.64
N SER C 41 38.89 -16.61 -27.51
CA SER C 41 38.69 -16.73 -28.94
C SER C 41 39.89 -16.20 -29.71
N SER C 42 40.03 -16.69 -30.92
CA SER C 42 41.12 -16.26 -31.75
C SER C 42 40.73 -14.87 -32.18
N PRO C 43 41.72 -14.04 -32.56
CA PRO C 43 41.36 -12.70 -33.01
C PRO C 43 40.67 -12.83 -34.36
N LYS C 44 39.76 -11.92 -34.66
CA LYS C 44 39.04 -11.96 -35.93
C LYS C 44 39.40 -10.73 -36.73
N PRO C 45 39.46 -10.85 -38.07
CA PRO C 45 39.79 -9.76 -38.98
C PRO C 45 38.70 -8.72 -38.76
N TRP C 46 39.06 -7.45 -38.60
CA TRP C 46 38.03 -6.45 -38.37
C TRP C 46 38.02 -5.36 -39.44
N ILE C 47 39.20 -4.83 -39.73
CA ILE C 47 39.33 -3.76 -40.69
C ILE C 47 40.70 -3.86 -41.31
N TYR C 48 40.76 -3.94 -42.64
CA TYR C 48 42.03 -4.00 -43.35
C TYR C 48 42.26 -2.81 -44.28
N SER C 49 43.53 -2.55 -44.54
CA SER C 49 43.93 -1.45 -45.40
C SER C 49 43.37 -0.10 -44.92
N THR C 50 43.33 0.06 -43.60
CA THR C 50 42.98 1.35 -42.95
C THR C 50 41.51 1.79 -42.99
N SER C 51 40.67 1.11 -43.72
CA SER C 51 39.31 1.65 -43.89
C SER C 51 38.32 0.61 -44.42
N ASN C 52 38.80 -0.52 -44.87
CA ASN C 52 37.92 -1.56 -45.42
C ASN C 52 37.44 -2.51 -44.32
N LEU C 53 36.14 -2.51 -44.06
CA LEU C 53 35.56 -3.39 -43.04
C LEU C 53 35.66 -4.82 -43.56
N ALA C 54 36.06 -5.76 -42.71
CA ALA C 54 36.15 -7.15 -43.11
C ALA C 54 34.78 -7.76 -42.98
N SER C 55 34.58 -8.94 -43.56
CA SER C 55 33.29 -9.62 -43.54
C SER C 55 32.73 -9.88 -42.14
N GLY C 56 31.52 -9.40 -41.88
CA GLY C 56 30.90 -9.60 -40.59
C GLY C 56 30.93 -8.38 -39.71
N VAL C 57 31.59 -7.32 -40.15
CA VAL C 57 31.71 -6.10 -39.37
C VAL C 57 30.64 -5.08 -39.64
N PRO C 58 29.83 -4.74 -38.62
CA PRO C 58 28.77 -3.74 -38.81
C PRO C 58 29.34 -2.37 -39.18
N GLY C 59 28.60 -1.68 -40.06
CA GLY C 59 29.01 -0.37 -40.54
C GLY C 59 29.25 0.73 -39.53
N ARG C 60 28.78 0.56 -38.29
CA ARG C 60 28.98 1.61 -37.27
C ARG C 60 30.46 1.79 -36.93
N PHE C 61 31.28 0.86 -37.40
CA PHE C 61 32.72 0.88 -37.20
C PHE C 61 33.31 1.55 -38.41
N SER C 62 34.22 2.50 -38.19
CA SER C 62 34.87 3.21 -39.30
C SER C 62 36.36 3.32 -39.01
N GLY C 63 37.20 3.07 -40.01
CA GLY C 63 38.65 3.17 -39.84
C GLY C 63 39.25 4.34 -40.62
N GLY C 64 40.46 4.77 -40.27
CA GLY C 64 41.07 5.87 -40.98
C GLY C 64 42.38 6.37 -40.40
N GLY C 65 43.03 7.29 -41.12
CA GLY C 65 44.31 7.85 -40.69
C GLY C 65 45.34 7.61 -41.78
N SER C 66 46.61 7.97 -41.53
CA SER C 66 47.67 7.73 -42.51
C SER C 66 49.04 8.05 -41.92
N GLY C 67 50.07 7.37 -42.43
CA GLY C 67 51.42 7.62 -41.96
C GLY C 67 51.76 7.05 -40.59
N THR C 68 51.82 7.92 -39.59
CA THR C 68 52.15 7.47 -38.25
C THR C 68 51.02 7.50 -37.25
N SER C 69 49.80 7.70 -37.74
CA SER C 69 48.64 7.74 -36.85
C SER C 69 47.42 7.20 -37.56
N PHE C 70 46.65 6.39 -36.85
CA PHE C 70 45.43 5.77 -37.37
C PHE C 70 44.51 5.64 -36.18
N SER C 71 43.24 5.35 -36.43
CA SER C 71 42.28 5.19 -35.35
C SER C 71 41.06 4.40 -35.83
N LEU C 72 40.45 3.76 -34.87
CA LEU C 72 39.24 2.93 -35.03
C LEU C 72 38.08 3.63 -34.32
N THR C 73 37.07 3.99 -35.08
CA THR C 73 35.90 4.70 -34.54
C THR C 73 34.68 3.81 -34.49
N ILE C 74 33.87 4.01 -33.45
CA ILE C 74 32.61 3.28 -33.23
C ILE C 74 31.55 4.35 -32.94
N SER C 75 30.59 4.50 -33.84
CA SER C 75 29.54 5.49 -33.62
C SER C 75 28.71 5.03 -32.44
N GLY C 76 27.53 4.47 -32.67
CA GLY C 76 26.74 4.02 -31.55
C GLY C 76 27.25 2.70 -31.03
N VAL C 77 28.06 2.74 -29.99
CA VAL C 77 28.60 1.52 -29.38
C VAL C 77 27.49 0.60 -28.89
N GLU C 78 27.58 -0.67 -29.25
CA GLU C 78 26.60 -1.67 -28.82
C GLU C 78 27.31 -2.60 -27.84
N ALA C 79 26.57 -3.21 -26.92
CA ALA C 79 27.15 -4.11 -25.93
C ALA C 79 28.03 -5.18 -26.56
N GLU C 80 27.64 -5.66 -27.73
CA GLU C 80 28.38 -6.68 -28.44
C GLU C 80 29.76 -6.20 -28.86
N ASP C 81 30.03 -4.91 -28.71
CA ASP C 81 31.32 -4.37 -29.11
C ASP C 81 32.45 -4.48 -28.08
N ALA C 82 32.10 -4.75 -26.83
CA ALA C 82 33.09 -4.89 -25.75
C ALA C 82 34.05 -6.02 -26.06
N ALA C 83 35.30 -5.67 -26.32
CA ALA C 83 36.35 -6.64 -26.63
C ALA C 83 37.67 -5.88 -26.73
N THR C 84 38.72 -6.57 -27.16
CA THR C 84 39.99 -5.91 -27.27
C THR C 84 40.36 -5.75 -28.70
N TYR C 85 40.77 -4.53 -29.02
CA TYR C 85 41.15 -4.13 -30.38
C TYR C 85 42.66 -3.94 -30.58
N TYR C 86 43.16 -4.53 -31.64
CA TYR C 86 44.59 -4.46 -31.97
C TYR C 86 44.86 -3.97 -33.40
N CYS C 87 45.84 -3.09 -33.54
CA CYS C 87 46.23 -2.65 -34.88
C CYS C 87 47.45 -3.49 -35.31
N GLN C 88 47.61 -3.71 -36.60
CA GLN C 88 48.72 -4.50 -37.12
C GLN C 88 49.33 -3.80 -38.33
N GLN C 89 50.65 -3.95 -38.46
CA GLN C 89 51.41 -3.33 -39.51
C GLN C 89 52.44 -4.29 -40.05
N TYR C 90 52.82 -4.09 -41.28
CA TYR C 90 53.82 -4.84 -42.02
C TYR C 90 54.47 -3.98 -43.11
N SER C 91 54.71 -2.73 -42.71
CA SER C 91 55.35 -1.78 -43.61
C SER C 91 56.88 -1.92 -43.40
N SER C 92 57.23 -2.10 -42.12
CA SER C 92 58.64 -2.32 -41.67
C SER C 92 58.77 -3.85 -41.49
N HIS C 93 59.99 -4.34 -41.33
CA HIS C 93 60.23 -5.81 -41.30
C HIS C 93 59.42 -6.56 -40.22
N PRO C 94 59.88 -6.63 -38.96
CA PRO C 94 59.09 -7.40 -37.97
C PRO C 94 57.65 -6.90 -37.86
N LEU C 95 56.78 -7.62 -38.52
CA LEU C 95 55.35 -7.26 -38.51
C LEU C 95 54.92 -7.14 -37.04
N THR C 96 54.24 -6.06 -36.68
CA THR C 96 53.87 -5.84 -35.25
C THR C 96 52.38 -5.54 -35.05
N PHE C 97 51.96 -5.68 -33.79
CA PHE C 97 50.60 -5.46 -33.33
C PHE C 97 50.70 -4.40 -32.24
N GLY C 98 49.65 -3.61 -32.03
CA GLY C 98 49.68 -2.57 -31.01
C GLY C 98 49.51 -3.13 -29.61
N GLY C 99 49.46 -2.25 -28.61
CA GLY C 99 49.27 -2.70 -27.23
C GLY C 99 47.89 -3.25 -26.93
N GLY C 100 46.90 -2.80 -27.70
CA GLY C 100 45.52 -3.21 -27.54
C GLY C 100 44.71 -2.27 -26.67
N THR C 101 43.45 -2.03 -27.07
CA THR C 101 42.57 -1.16 -26.29
C THR C 101 41.35 -1.98 -25.92
N LYS C 102 41.10 -2.09 -24.63
CA LYS C 102 39.96 -2.86 -24.12
C LYS C 102 38.72 -1.99 -23.94
N LEU C 103 37.68 -2.28 -24.72
CA LEU C 103 36.45 -1.52 -24.59
C LEU C 103 35.58 -2.19 -23.57
N GLU C 104 35.24 -1.46 -22.51
CA GLU C 104 34.38 -1.94 -21.45
C GLU C 104 33.17 -1.02 -21.40
N LEU C 105 31.98 -1.60 -21.29
CA LEU C 105 30.77 -0.81 -21.24
C LEU C 105 30.48 -0.32 -19.84
N LYS C 106 29.88 0.85 -19.73
CA LYS C 106 29.56 1.39 -18.41
C LYS C 106 28.10 1.12 -18.12
N ARG C 107 27.77 0.89 -16.86
CA ARG C 107 26.39 0.62 -16.47
C ARG C 107 26.04 1.17 -15.10
N ALA C 108 24.77 1.05 -14.71
CA ALA C 108 24.31 1.55 -13.41
C ALA C 108 24.99 0.80 -12.25
N ASP C 109 25.52 1.53 -11.29
CA ASP C 109 26.17 0.91 -10.12
C ASP C 109 25.26 -0.23 -9.70
N ALA C 110 25.82 -1.33 -9.25
CA ALA C 110 25.05 -2.49 -8.80
C ALA C 110 25.79 -3.17 -7.65
N ALA C 111 25.10 -3.35 -6.53
CA ALA C 111 25.69 -3.95 -5.36
C ALA C 111 25.93 -5.43 -5.61
N PRO C 112 27.01 -6.00 -5.02
CA PRO C 112 27.25 -7.43 -5.25
C PRO C 112 26.40 -8.33 -4.38
N THR C 113 26.06 -9.52 -4.88
CA THR C 113 25.29 -10.47 -4.08
C THR C 113 26.34 -11.42 -3.49
N VAL C 114 26.43 -11.44 -2.16
CA VAL C 114 27.41 -12.24 -1.40
C VAL C 114 26.88 -13.58 -0.87
N SER C 115 27.71 -14.62 -0.92
CA SER C 115 27.37 -15.95 -0.44
C SER C 115 28.65 -16.54 0.09
N ILE C 116 28.58 -17.16 1.28
CA ILE C 116 29.74 -17.75 1.92
C ILE C 116 29.46 -19.23 2.16
N PHE C 117 30.46 -20.08 1.93
CA PHE C 117 30.29 -21.52 2.10
C PHE C 117 31.36 -22.14 3.01
N PRO C 118 30.94 -22.89 4.04
CA PRO C 118 31.97 -23.49 4.90
C PRO C 118 32.55 -24.70 4.15
N PRO C 119 33.63 -25.29 4.66
CA PRO C 119 34.18 -26.42 3.89
C PRO C 119 33.21 -27.61 3.85
N SER C 120 33.24 -28.29 2.71
CA SER C 120 32.45 -29.47 2.50
C SER C 120 33.02 -30.58 3.36
N SER C 121 32.17 -31.51 3.74
CA SER C 121 32.61 -32.65 4.54
C SER C 121 33.56 -33.52 3.71
N GLU C 122 33.45 -33.44 2.40
CA GLU C 122 34.34 -34.20 1.56
C GLU C 122 35.76 -33.67 1.78
N GLN C 123 35.92 -32.36 1.81
CA GLN C 123 37.23 -31.74 1.96
C GLN C 123 37.86 -31.94 3.33
N LEU C 124 37.02 -31.92 4.36
CA LEU C 124 37.45 -32.12 5.74
C LEU C 124 37.96 -33.54 5.96
N THR C 125 37.30 -34.51 5.38
CA THR C 125 37.74 -35.88 5.51
C THR C 125 39.04 -36.08 4.77
N SER C 126 39.43 -35.11 3.96
CA SER C 126 40.68 -35.23 3.22
C SER C 126 41.73 -34.41 3.94
N GLY C 127 41.35 -33.82 5.06
CA GLY C 127 42.32 -33.05 5.82
C GLY C 127 42.41 -31.56 5.61
N GLY C 128 41.84 -31.03 4.53
CA GLY C 128 41.94 -29.59 4.33
C GLY C 128 40.64 -28.87 4.61
N ALA C 129 40.66 -27.54 4.50
CA ALA C 129 39.45 -26.75 4.73
C ALA C 129 39.50 -25.39 4.04
N SER C 130 38.64 -25.22 3.04
CA SER C 130 38.57 -23.99 2.26
C SER C 130 37.24 -23.28 2.45
N VAL C 131 37.30 -21.97 2.70
CA VAL C 131 36.09 -21.17 2.91
C VAL C 131 35.98 -20.29 1.68
N VAL C 132 34.90 -20.46 0.93
CA VAL C 132 34.67 -19.68 -0.29
C VAL C 132 33.64 -18.58 -0.11
N CYS C 133 33.86 -17.48 -0.82
CA CYS C 133 32.97 -16.34 -0.77
C CYS C 133 32.77 -15.91 -2.21
N PHE C 134 31.52 -15.81 -2.64
CA PHE C 134 31.22 -15.40 -4.01
C PHE C 134 30.53 -14.03 -3.96
N LEU C 135 31.13 -13.05 -4.60
CA LEU C 135 30.55 -11.69 -4.67
C LEU C 135 30.20 -11.44 -6.13
N ASN C 136 28.96 -11.73 -6.47
CA ASN C 136 28.55 -11.71 -7.87
C ASN C 136 27.55 -10.61 -8.24
N ASN C 137 27.65 -10.33 -9.53
CA ASN C 137 26.81 -9.38 -10.30
C ASN C 137 26.98 -7.94 -9.82
N PHE C 138 28.14 -7.48 -9.30
CA PHE C 138 28.33 -6.06 -9.00
C PHE C 138 28.90 -5.38 -10.26
N TYR C 139 28.77 -4.06 -10.35
CA TYR C 139 29.23 -3.34 -11.55
C TYR C 139 30.61 -2.68 -11.42
N PRO C 140 30.71 -1.53 -10.71
CA PRO C 140 32.07 -0.97 -10.63
C PRO C 140 33.11 -2.01 -10.21
N LYS C 141 33.86 -2.39 -11.19
CA LYS C 141 34.86 -3.43 -11.03
C LYS C 141 35.55 -3.38 -9.68
N ASP C 142 35.70 -2.18 -9.14
CA ASP C 142 36.38 -1.99 -7.86
C ASP C 142 35.64 -2.48 -6.60
N ILE C 143 36.27 -3.43 -5.90
CA ILE C 143 35.72 -4.02 -4.69
C ILE C 143 36.86 -4.47 -3.81
N ASN C 144 36.60 -4.61 -2.51
CA ASN C 144 37.63 -5.07 -1.58
C ASN C 144 37.04 -6.20 -0.75
N VAL C 145 37.77 -7.28 -0.62
CA VAL C 145 37.30 -8.41 0.14
C VAL C 145 38.23 -8.57 1.32
N LYS C 146 37.67 -8.87 2.48
CA LYS C 146 38.48 -9.03 3.66
C LYS C 146 37.96 -10.16 4.51
N TRP C 147 38.85 -11.10 4.78
CA TRP C 147 38.52 -12.27 5.58
C TRP C 147 38.84 -12.04 7.05
N LYS C 148 37.91 -12.37 7.90
CA LYS C 148 38.10 -12.23 9.33
C LYS C 148 37.84 -13.55 10.02
N ILE C 149 38.81 -14.01 10.78
CA ILE C 149 38.61 -15.23 11.53
C ILE C 149 38.47 -14.79 12.99
N ASP C 150 37.36 -15.15 13.61
CA ASP C 150 37.07 -14.76 14.99
C ASP C 150 37.37 -13.28 15.22
N GLY C 151 36.89 -12.44 14.30
CA GLY C 151 37.08 -11.01 14.42
C GLY C 151 38.44 -10.46 14.09
N SER C 152 39.35 -11.30 13.61
CA SER C 152 40.70 -10.83 13.26
C SER C 152 40.96 -11.00 11.76
N GLU C 153 41.56 -9.99 11.18
CA GLU C 153 41.86 -9.95 9.74
C GLU C 153 42.84 -11.01 9.26
N ARG C 154 42.43 -11.78 8.26
CA ARG C 154 43.24 -12.84 7.67
C ARG C 154 43.76 -12.44 6.28
N GLN C 155 45.04 -12.71 6.03
CA GLN C 155 45.72 -12.37 4.77
C GLN C 155 46.39 -13.56 4.08
N ASN C 156 46.97 -14.45 4.87
CA ASN C 156 47.65 -15.62 4.33
C ASN C 156 46.64 -16.65 3.88
N GLY C 157 46.88 -17.22 2.71
CA GLY C 157 45.99 -18.25 2.21
C GLY C 157 44.76 -17.80 1.43
N VAL C 158 44.61 -16.49 1.22
CA VAL C 158 43.48 -15.95 0.47
C VAL C 158 43.79 -15.98 -1.01
N LEU C 159 42.89 -16.59 -1.79
CA LEU C 159 43.05 -16.76 -3.24
C LEU C 159 41.90 -16.08 -3.97
N ASN C 160 42.17 -14.98 -4.69
CA ASN C 160 41.12 -14.24 -5.40
C ASN C 160 41.17 -14.38 -6.90
N SER C 161 40.00 -14.30 -7.53
CA SER C 161 39.89 -14.47 -8.96
C SER C 161 38.73 -13.63 -9.43
N TRP C 162 38.81 -13.14 -10.66
CA TRP C 162 37.75 -12.27 -11.22
C TRP C 162 37.35 -12.69 -12.63
N THR C 163 36.07 -12.58 -12.94
CA THR C 163 35.62 -12.93 -14.28
C THR C 163 35.65 -11.65 -15.12
N ASP C 164 35.41 -11.77 -16.41
CA ASP C 164 35.36 -10.57 -17.25
C ASP C 164 33.96 -9.94 -17.09
N GLN C 165 33.76 -8.79 -17.73
CA GLN C 165 32.47 -8.11 -17.67
C GLN C 165 31.49 -9.03 -18.32
N ASP C 166 30.33 -9.20 -17.70
CA ASP C 166 29.33 -10.09 -18.25
C ASP C 166 28.69 -9.59 -19.53
N SER C 167 28.59 -10.50 -20.49
CA SER C 167 27.99 -10.20 -21.78
C SER C 167 26.52 -9.72 -21.66
N LYS C 168 25.71 -10.47 -20.91
CA LYS C 168 24.32 -10.11 -20.72
C LYS C 168 24.08 -8.82 -19.87
N ASP C 169 24.69 -8.66 -18.67
CA ASP C 169 24.34 -7.48 -17.81
C ASP C 169 25.50 -6.50 -17.49
N SER C 170 26.66 -6.72 -18.10
CA SER C 170 27.82 -5.79 -17.97
C SER C 170 28.34 -5.62 -16.54
N THR C 171 28.20 -6.65 -15.71
CA THR C 171 28.61 -6.64 -14.31
C THR C 171 29.75 -7.63 -14.10
N TYR C 172 30.38 -7.61 -12.94
CA TYR C 172 31.47 -8.52 -12.65
C TYR C 172 31.13 -9.45 -11.50
N SER C 173 32.02 -10.40 -11.26
CA SER C 173 31.89 -11.39 -10.20
C SER C 173 33.28 -11.73 -9.72
N MET C 174 33.41 -11.92 -8.42
CA MET C 174 34.71 -12.25 -7.85
C MET C 174 34.56 -13.38 -6.84
N SER C 175 35.52 -14.26 -6.90
CA SER C 175 35.61 -15.39 -6.01
C SER C 175 36.80 -15.18 -5.08
N SER C 176 36.58 -15.52 -3.84
CA SER C 176 37.59 -15.39 -2.80
C SER C 176 37.60 -16.64 -1.98
N THR C 177 38.72 -17.36 -1.96
CA THR C 177 38.82 -18.60 -1.18
C THR C 177 39.94 -18.50 -0.17
N LEU C 178 39.62 -18.80 1.09
CA LEU C 178 40.59 -18.78 2.17
C LEU C 178 40.88 -20.24 2.53
N THR C 179 42.15 -20.69 2.42
CA THR C 179 42.44 -22.09 2.76
C THR C 179 43.28 -22.33 4.01
N LEU C 180 42.76 -23.16 4.91
CA LEU C 180 43.38 -23.50 6.18
C LEU C 180 43.52 -25.02 6.20
N THR C 181 44.05 -25.52 7.28
CA THR C 181 44.15 -26.96 7.49
C THR C 181 42.97 -27.36 8.37
N LYS C 182 42.54 -28.59 8.23
CA LYS C 182 41.42 -29.06 9.04
C LYS C 182 41.64 -28.65 10.50
N ASP C 183 42.90 -28.65 10.96
CA ASP C 183 43.23 -28.31 12.35
C ASP C 183 43.23 -26.83 12.66
N GLU C 184 43.63 -25.99 11.72
CA GLU C 184 43.59 -24.55 11.93
C GLU C 184 42.10 -24.16 11.91
N TYR C 185 41.37 -24.77 10.98
CA TYR C 185 39.95 -24.50 10.83
C TYR C 185 39.16 -24.83 12.10
N GLU C 186 39.38 -26.01 12.64
CA GLU C 186 38.65 -26.40 13.83
C GLU C 186 39.05 -25.74 15.16
N ARG C 187 40.07 -24.88 15.15
CA ARG C 187 40.44 -24.19 16.38
C ARG C 187 40.01 -22.73 16.29
N HIS C 188 38.91 -22.50 15.59
CA HIS C 188 38.36 -21.14 15.43
C HIS C 188 36.85 -21.33 15.26
N ASN C 189 36.10 -20.26 15.32
CA ASN C 189 34.64 -20.43 15.26
C ASN C 189 33.95 -19.64 14.15
N SER C 190 34.22 -18.35 14.04
CA SER C 190 33.50 -17.55 13.06
C SER C 190 34.36 -17.03 11.92
N TYR C 191 33.91 -17.34 10.71
CA TYR C 191 34.56 -16.88 9.49
C TYR C 191 33.74 -15.81 8.79
N THR C 192 34.38 -14.74 8.44
CA THR C 192 33.67 -13.64 7.83
C THR C 192 34.29 -13.10 6.56
N CYS C 193 33.43 -12.66 5.67
CA CYS C 193 33.82 -12.13 4.38
C CYS C 193 33.23 -10.71 4.27
N GLU C 194 34.08 -9.71 4.43
CA GLU C 194 33.66 -8.31 4.34
C GLU C 194 34.08 -7.73 3.02
N ALA C 195 33.09 -7.26 2.28
CA ALA C 195 33.33 -6.67 0.99
C ALA C 195 33.00 -5.18 1.08
N THR C 196 33.91 -4.35 0.60
CA THR C 196 33.68 -2.92 0.58
C THR C 196 33.49 -2.54 -0.89
N HIS C 197 32.36 -1.90 -1.17
CA HIS C 197 32.02 -1.50 -2.51
C HIS C 197 31.42 -0.09 -2.48
N LYS C 198 31.60 0.67 -3.56
CA LYS C 198 31.06 2.01 -3.64
C LYS C 198 29.53 2.06 -3.51
N THR C 199 28.85 0.93 -3.71
CA THR C 199 27.40 0.93 -3.59
C THR C 199 26.91 0.97 -2.15
N SER C 200 27.82 1.12 -1.18
CA SER C 200 27.40 1.18 0.22
C SER C 200 28.54 1.72 1.07
N THR C 201 28.21 2.54 2.07
CA THR C 201 29.24 3.13 2.93
C THR C 201 29.60 2.21 4.10
N SER C 202 28.81 1.20 4.28
CA SER C 202 29.06 0.18 5.30
C SER C 202 29.43 -1.11 4.59
N PRO C 203 30.55 -1.74 4.94
CA PRO C 203 30.91 -2.98 4.24
C PRO C 203 29.83 -4.06 4.37
N ILE C 204 29.76 -4.89 3.38
CA ILE C 204 28.79 -5.96 3.34
C ILE C 204 29.42 -7.13 4.04
N VAL C 205 28.95 -7.45 5.23
CA VAL C 205 29.50 -8.59 5.94
C VAL C 205 28.56 -9.79 5.80
N LYS C 206 29.20 -10.91 5.61
CA LYS C 206 28.54 -12.21 5.48
C LYS C 206 29.36 -13.18 6.31
N SER C 207 28.70 -13.97 7.13
CA SER C 207 29.47 -14.84 8.00
C SER C 207 28.79 -16.11 8.46
N PHE C 208 29.56 -16.94 9.16
CA PHE C 208 29.08 -18.20 9.71
C PHE C 208 29.95 -18.68 10.88
N ASN C 209 29.35 -19.50 11.75
CA ASN C 209 30.01 -20.07 12.92
C ASN C 209 30.08 -21.57 12.74
N ARG C 210 31.23 -22.14 13.05
CA ARG C 210 31.49 -23.55 12.91
C ARG C 210 30.57 -24.41 13.80
N GLU D 1 33.37 -24.03 -45.01
CA GLU D 1 34.16 -22.84 -45.42
C GLU D 1 35.59 -23.04 -44.94
N VAL D 2 36.37 -21.97 -44.90
CA VAL D 2 37.75 -22.06 -44.44
C VAL D 2 37.81 -22.36 -42.95
N GLN D 3 38.60 -23.36 -42.58
CA GLN D 3 38.78 -23.73 -41.19
C GLN D 3 40.20 -24.19 -40.93
N LEU D 4 40.79 -23.65 -39.86
CA LEU D 4 42.14 -24.00 -39.46
C LEU D 4 42.05 -24.69 -38.09
N GLN D 5 42.16 -26.00 -38.08
CA GLN D 5 42.07 -26.79 -36.84
C GLN D 5 43.46 -27.06 -36.27
N GLN D 6 43.80 -26.41 -35.14
CA GLN D 6 45.11 -26.61 -34.54
C GLN D 6 45.09 -27.75 -33.53
N SER D 7 46.26 -28.32 -33.23
CA SER D 7 46.32 -29.42 -32.27
C SER D 7 46.01 -28.93 -30.85
N GLY D 8 45.63 -29.88 -29.99
CA GLY D 8 45.25 -29.57 -28.62
C GLY D 8 46.30 -28.97 -27.73
N PRO D 9 45.93 -28.62 -26.49
CA PRO D 9 46.79 -28.03 -25.45
C PRO D 9 47.94 -28.97 -25.14
N ASP D 10 49.12 -28.43 -24.84
CA ASP D 10 50.25 -29.30 -24.53
C ASP D 10 51.08 -28.82 -23.36
N LEU D 11 51.60 -29.76 -22.58
CA LEU D 11 52.44 -29.50 -21.41
C LEU D 11 53.78 -30.20 -21.67
N VAL D 12 54.88 -29.46 -21.55
CA VAL D 12 56.21 -30.05 -21.77
C VAL D 12 57.26 -29.46 -20.81
N LYS D 13 58.37 -30.17 -20.63
CA LYS D 13 59.40 -29.70 -19.73
C LYS D 13 60.41 -28.78 -20.37
N PRO D 14 60.98 -27.86 -19.58
CA PRO D 14 61.97 -26.90 -20.09
C PRO D 14 63.06 -27.67 -20.79
N GLY D 15 63.50 -27.16 -21.93
CA GLY D 15 64.56 -27.84 -22.64
C GLY D 15 64.04 -28.75 -23.72
N ALA D 16 62.79 -29.21 -23.57
CA ALA D 16 62.21 -30.08 -24.59
C ALA D 16 61.71 -29.29 -25.79
N SER D 17 61.01 -29.96 -26.70
CA SER D 17 60.46 -29.29 -27.87
C SER D 17 59.09 -29.86 -28.25
N VAL D 18 58.35 -29.12 -29.06
CA VAL D 18 57.03 -29.58 -29.47
C VAL D 18 56.77 -29.19 -30.90
N LYS D 19 55.89 -29.97 -31.48
CA LYS D 19 55.42 -29.75 -32.84
C LYS D 19 53.93 -29.52 -32.82
N ILE D 20 53.58 -28.28 -32.97
CA ILE D 20 52.20 -27.85 -33.02
C ILE D 20 51.75 -27.91 -34.47
N SER D 21 50.54 -28.41 -34.72
CA SER D 21 50.04 -28.52 -36.08
C SER D 21 48.87 -27.59 -36.34
N CYS D 22 48.53 -27.46 -37.62
CA CYS D 22 47.46 -26.58 -38.10
C CYS D 22 46.96 -27.09 -39.46
N LYS D 23 45.81 -27.74 -39.48
CA LYS D 23 45.26 -28.30 -40.72
C LYS D 23 44.25 -27.35 -41.37
N ALA D 24 44.45 -27.08 -42.65
CA ALA D 24 43.58 -26.17 -43.36
C ALA D 24 42.64 -26.85 -44.32
N SER D 25 41.38 -26.43 -44.28
CA SER D 25 40.36 -26.99 -45.17
C SER D 25 39.39 -25.89 -45.61
N GLY D 26 38.68 -26.16 -46.70
CA GLY D 26 37.72 -25.21 -47.24
C GLY D 26 38.33 -24.30 -48.29
N TYR D 27 39.63 -24.44 -48.51
CA TYR D 27 40.31 -23.61 -49.47
C TYR D 27 41.52 -24.35 -50.03
N SER D 28 42.10 -23.79 -51.09
CA SER D 28 43.27 -24.36 -51.74
C SER D 28 44.45 -24.12 -50.81
N PHE D 29 44.87 -25.17 -50.11
CA PHE D 29 45.97 -25.06 -49.17
C PHE D 29 47.19 -24.27 -49.67
N SER D 30 47.90 -24.79 -50.64
CA SER D 30 49.17 -24.19 -51.10
C SER D 30 49.02 -22.84 -51.85
N THR D 31 47.85 -22.21 -51.82
CA THR D 31 47.67 -20.94 -52.56
C THR D 31 47.57 -19.72 -51.62
N TYR D 32 47.95 -19.91 -50.37
CA TYR D 32 47.94 -18.84 -49.37
C TYR D 32 49.14 -19.01 -48.43
N TYR D 33 49.67 -17.91 -47.90
CA TYR D 33 50.79 -17.99 -46.98
C TYR D 33 50.32 -18.24 -45.56
N MET D 34 50.97 -19.16 -44.85
CA MET D 34 50.60 -19.48 -43.48
C MET D 34 51.49 -18.74 -42.49
N HIS D 35 50.88 -18.11 -41.50
CA HIS D 35 51.63 -17.40 -40.49
C HIS D 35 51.34 -17.92 -39.07
N TRP D 36 52.26 -17.64 -38.16
CA TRP D 36 52.14 -18.06 -36.77
C TRP D 36 52.28 -16.85 -35.87
N VAL D 37 51.38 -16.75 -34.90
CA VAL D 37 51.37 -15.65 -33.95
C VAL D 37 51.36 -16.18 -32.52
N LYS D 38 52.11 -15.50 -31.68
CA LYS D 38 52.24 -15.88 -30.29
C LYS D 38 51.57 -14.80 -29.46
N GLN D 39 50.78 -15.22 -28.48
CA GLN D 39 50.11 -14.27 -27.59
C GLN D 39 50.40 -14.77 -26.20
N SER D 40 50.68 -13.88 -25.28
CA SER D 40 50.95 -14.34 -23.94
C SER D 40 49.73 -14.17 -23.00
N HIS D 41 48.75 -14.96 -23.36
CA HIS D 41 47.46 -15.19 -22.64
C HIS D 41 46.66 -13.93 -22.26
N GLY D 42 45.81 -13.50 -23.19
CA GLY D 42 44.90 -12.36 -22.97
C GLY D 42 45.65 -11.04 -22.96
N LYS D 43 46.73 -11.02 -23.73
CA LYS D 43 47.58 -9.83 -23.85
C LYS D 43 48.16 -9.72 -25.26
N SER D 44 49.39 -9.26 -25.26
CA SER D 44 50.19 -8.96 -26.47
C SER D 44 50.25 -10.07 -27.51
N LEU D 45 50.07 -9.69 -28.77
CA LEU D 45 50.17 -10.62 -29.91
C LEU D 45 51.55 -10.34 -30.49
N GLU D 46 52.24 -11.38 -30.95
CA GLU D 46 53.57 -11.21 -31.52
C GLU D 46 53.83 -12.24 -32.62
N TRP D 47 54.17 -11.74 -33.80
CA TRP D 47 54.41 -12.53 -35.00
C TRP D 47 55.65 -13.40 -34.92
N ILE D 48 55.57 -14.60 -35.48
CA ILE D 48 56.71 -15.51 -35.46
C ILE D 48 57.38 -15.59 -36.84
N GLY D 49 56.58 -15.83 -37.86
CA GLY D 49 57.12 -15.93 -39.20
C GLY D 49 56.08 -16.53 -40.10
N ARG D 50 56.42 -16.81 -41.35
CA ARG D 50 55.47 -17.37 -42.29
C ARG D 50 56.09 -18.43 -43.19
N VAL D 51 55.26 -19.12 -43.96
CA VAL D 51 55.76 -20.12 -44.88
C VAL D 51 55.00 -20.08 -46.18
N ASP D 52 55.68 -20.47 -47.21
CA ASP D 52 55.10 -20.60 -48.54
C ASP D 52 54.70 -22.05 -48.70
N PRO D 53 53.42 -22.37 -48.62
CA PRO D 53 53.02 -23.78 -48.69
C PRO D 53 53.59 -24.49 -49.92
N ASP D 54 53.81 -23.75 -50.99
CA ASP D 54 54.36 -24.36 -52.20
C ASP D 54 55.89 -24.42 -52.26
N ASN D 55 56.57 -23.27 -52.17
CA ASN D 55 58.02 -23.27 -52.25
C ASN D 55 58.75 -23.49 -50.95
N GLY D 56 58.01 -23.79 -49.88
CA GLY D 56 58.59 -24.05 -48.58
C GLY D 56 59.39 -22.89 -48.01
N GLY D 57 59.25 -21.72 -48.63
CA GLY D 57 59.99 -20.54 -48.21
C GLY D 57 59.40 -19.88 -46.98
N THR D 58 60.25 -19.68 -45.98
CA THR D 58 59.86 -19.07 -44.72
C THR D 58 60.40 -17.64 -44.62
N SER D 59 59.75 -16.91 -43.73
CA SER D 59 60.09 -15.52 -43.36
C SER D 59 59.91 -15.43 -41.84
N PHE D 60 60.88 -14.85 -41.17
CA PHE D 60 60.84 -14.83 -39.69
C PHE D 60 61.01 -13.45 -39.07
N ASN D 61 60.67 -13.46 -37.79
CA ASN D 61 60.80 -12.32 -36.90
C ASN D 61 62.03 -12.52 -36.04
N GLN D 62 62.94 -11.59 -36.19
CA GLN D 62 64.25 -11.64 -35.53
C GLN D 62 64.31 -12.66 -34.40
N LYS D 63 63.59 -12.38 -33.33
CA LYS D 63 63.68 -13.14 -32.06
C LYS D 63 63.49 -14.65 -32.15
N PHE D 64 62.83 -15.08 -33.24
CA PHE D 64 62.51 -16.53 -33.28
C PHE D 64 63.63 -17.36 -33.90
N LYS D 65 64.28 -16.87 -34.88
CA LYS D 65 65.05 -17.64 -35.88
C LYS D 65 65.34 -19.10 -35.52
N GLY D 66 66.30 -19.32 -34.62
CA GLY D 66 66.64 -20.69 -34.22
C GLY D 66 65.63 -21.40 -33.31
N LYS D 67 64.53 -20.72 -32.99
CA LYS D 67 63.51 -21.27 -32.11
C LYS D 67 62.42 -22.04 -32.86
N ALA D 68 61.79 -21.38 -33.83
CA ALA D 68 60.72 -22.06 -34.57
C ALA D 68 61.23 -22.61 -35.89
N ILE D 69 60.77 -23.81 -36.22
CA ILE D 69 61.11 -24.47 -37.50
C ILE D 69 59.75 -24.63 -38.21
N LEU D 70 59.46 -23.72 -39.12
CA LEU D 70 58.19 -23.74 -39.83
C LEU D 70 58.27 -24.70 -41.00
N THR D 71 57.33 -25.64 -41.01
CA THR D 71 57.25 -26.70 -42.01
C THR D 71 55.82 -26.86 -42.50
N VAL D 72 55.68 -27.53 -43.65
CA VAL D 72 54.39 -27.78 -44.27
C VAL D 72 54.39 -29.14 -44.99
N ASP D 73 53.29 -29.85 -44.81
CA ASP D 73 53.04 -31.16 -45.47
C ASP D 73 51.91 -30.95 -46.46
N LYS D 74 52.32 -30.56 -47.64
CA LYS D 74 51.42 -30.16 -48.73
C LYS D 74 50.31 -31.16 -49.06
N SER D 75 50.49 -32.41 -48.66
CA SER D 75 49.51 -33.46 -48.93
C SER D 75 48.45 -33.64 -47.82
N SER D 76 48.84 -33.37 -46.58
CA SER D 76 47.92 -33.50 -45.44
C SER D 76 47.21 -32.15 -45.24
N SER D 77 47.60 -31.16 -46.05
CA SER D 77 47.05 -29.82 -45.98
C SER D 77 47.27 -29.34 -44.53
N THR D 78 48.47 -29.58 -44.02
CA THR D 78 48.77 -29.20 -42.64
C THR D 78 50.11 -28.48 -42.50
N ALA D 79 50.11 -27.38 -41.74
CA ALA D 79 51.32 -26.61 -41.47
C ALA D 79 51.75 -26.98 -40.04
N TYR D 80 53.05 -27.10 -39.84
CA TYR D 80 53.61 -27.48 -38.56
C TYR D 80 54.61 -26.46 -38.02
N MET D 81 54.64 -26.28 -36.70
CA MET D 81 55.62 -25.42 -36.07
C MET D 81 56.28 -26.23 -34.98
N GLU D 82 57.61 -26.31 -35.03
CA GLU D 82 58.36 -27.03 -34.02
C GLU D 82 59.11 -26.01 -33.22
N LEU D 83 58.93 -26.05 -31.90
CA LEU D 83 59.60 -25.11 -31.01
C LEU D 83 60.74 -25.82 -30.29
N GLY D 84 61.94 -25.23 -30.34
CA GLY D 84 63.12 -25.80 -29.73
C GLY D 84 63.63 -25.03 -28.52
N SER D 85 64.36 -25.72 -27.64
CA SER D 85 64.93 -25.14 -26.42
C SER D 85 63.91 -24.34 -25.65
N LEU D 86 62.83 -25.03 -25.25
CA LEU D 86 61.73 -24.40 -24.55
C LEU D 86 62.04 -23.94 -23.11
N THR D 87 61.62 -22.73 -22.78
CA THR D 87 61.80 -22.17 -21.43
C THR D 87 60.41 -21.91 -20.89
N SER D 88 60.30 -21.32 -19.71
CA SER D 88 58.98 -21.08 -19.17
C SER D 88 58.32 -19.84 -19.77
N GLU D 89 59.09 -18.94 -20.36
CA GLU D 89 58.45 -17.79 -20.97
C GLU D 89 58.06 -18.14 -22.41
N ASP D 90 58.17 -19.42 -22.73
CA ASP D 90 57.76 -19.93 -24.02
C ASP D 90 56.34 -20.47 -23.83
N SER D 91 55.78 -20.25 -22.65
CA SER D 91 54.42 -20.65 -22.35
C SER D 91 53.55 -19.47 -22.79
N ALA D 92 52.68 -19.72 -23.76
CA ALA D 92 51.81 -18.70 -24.31
C ALA D 92 50.82 -19.44 -25.16
N VAL D 93 50.05 -18.69 -25.94
CA VAL D 93 49.07 -19.27 -26.86
C VAL D 93 49.60 -19.02 -28.28
N TYR D 94 49.61 -20.08 -29.10
CA TYR D 94 50.11 -20.01 -30.47
C TYR D 94 49.02 -20.19 -31.50
N TYR D 95 49.02 -19.32 -32.51
CA TYR D 95 48.03 -19.35 -33.58
C TYR D 95 48.67 -19.50 -34.94
N CYS D 96 47.83 -19.98 -35.83
CA CYS D 96 48.15 -20.19 -37.23
C CYS D 96 47.07 -19.50 -38.06
N ALA D 97 47.48 -18.44 -38.71
CA ALA D 97 46.57 -17.64 -39.53
C ALA D 97 47.08 -17.52 -40.95
N ARG D 98 46.18 -17.76 -41.87
CA ARG D 98 46.46 -17.63 -43.30
C ARG D 98 46.27 -16.16 -43.67
N ARG D 99 47.23 -15.65 -44.42
CA ARG D 99 47.24 -14.25 -44.84
C ARG D 99 46.78 -14.11 -46.29
N ASP D 100 45.91 -13.14 -46.55
CA ASP D 100 45.44 -12.95 -47.91
C ASP D 100 46.43 -12.10 -48.71
N ASP D 101 46.19 -10.80 -48.79
CA ASP D 101 47.06 -9.90 -49.51
C ASP D 101 47.38 -8.78 -48.53
N TYR D 102 46.43 -8.48 -47.65
CA TYR D 102 46.63 -7.41 -46.69
C TYR D 102 46.60 -7.85 -45.22
N TYR D 103 45.58 -8.62 -44.79
CA TYR D 103 45.46 -8.98 -43.38
C TYR D 103 45.31 -10.49 -43.21
N PHE D 104 45.13 -10.87 -41.90
CA PHE D 104 44.93 -12.26 -41.52
C PHE D 104 43.41 -12.51 -41.56
N ASP D 105 42.94 -13.05 -42.66
CA ASP D 105 41.51 -13.30 -42.86
C ASP D 105 40.91 -14.53 -42.16
N PHE D 106 41.71 -15.57 -41.94
CA PHE D 106 41.23 -16.74 -41.21
C PHE D 106 42.26 -17.17 -40.18
N TRP D 107 41.80 -17.49 -38.98
CA TRP D 107 42.70 -17.88 -37.87
C TRP D 107 42.41 -19.26 -37.33
N GLY D 108 43.40 -19.89 -36.71
CA GLY D 108 43.17 -21.17 -36.09
C GLY D 108 42.62 -20.92 -34.69
N GLN D 109 41.99 -21.90 -34.05
CA GLN D 109 41.45 -21.67 -32.69
C GLN D 109 42.55 -21.50 -31.64
N GLY D 110 43.79 -21.76 -32.04
CA GLY D 110 44.90 -21.59 -31.12
C GLY D 110 45.30 -22.83 -30.37
N THR D 111 46.56 -22.82 -29.91
CA THR D 111 47.12 -23.91 -29.14
C THR D 111 47.80 -23.31 -27.93
N SER D 112 47.34 -23.70 -26.75
CA SER D 112 47.90 -23.21 -25.51
C SER D 112 49.05 -24.16 -25.12
N LEU D 113 50.20 -23.58 -24.88
CA LEU D 113 51.33 -24.39 -24.52
C LEU D 113 51.86 -24.00 -23.16
N THR D 114 52.06 -25.02 -22.32
CA THR D 114 52.59 -24.85 -20.97
C THR D 114 53.91 -25.59 -20.82
N VAL D 115 54.94 -24.81 -20.53
CA VAL D 115 56.29 -25.32 -20.29
C VAL D 115 56.59 -25.21 -18.80
N SER D 116 56.69 -26.36 -18.17
CA SER D 116 56.91 -26.41 -16.73
C SER D 116 57.47 -27.74 -16.27
N SER D 117 58.16 -27.71 -15.13
CA SER D 117 58.73 -28.91 -14.52
C SER D 117 57.66 -29.57 -13.64
N ALA D 118 56.55 -28.87 -13.41
CA ALA D 118 55.48 -29.38 -12.55
C ALA D 118 54.80 -30.61 -13.12
N LYS D 119 54.47 -31.58 -12.28
CA LYS D 119 53.83 -32.80 -12.75
C LYS D 119 52.31 -32.63 -12.85
N THR D 120 51.68 -33.29 -13.81
CA THR D 120 50.23 -33.16 -13.93
C THR D 120 49.57 -33.81 -12.72
N THR D 121 48.42 -33.27 -12.32
CA THR D 121 47.73 -33.75 -11.13
C THR D 121 46.23 -33.61 -11.32
N PRO D 122 45.45 -34.64 -10.94
CA PRO D 122 44.00 -34.56 -11.08
C PRO D 122 43.44 -33.59 -10.06
N PRO D 123 42.28 -33.01 -10.32
CA PRO D 123 41.68 -32.07 -9.38
C PRO D 123 40.81 -32.77 -8.37
N SER D 124 40.66 -32.08 -7.27
CA SER D 124 39.80 -32.49 -6.15
C SER D 124 38.59 -31.57 -6.15
N VAL D 125 37.49 -32.10 -6.63
CA VAL D 125 36.25 -31.34 -6.80
C VAL D 125 35.35 -31.37 -5.58
N TYR D 126 35.14 -30.21 -4.96
CA TYR D 126 34.30 -30.09 -3.78
C TYR D 126 33.00 -29.35 -4.06
N PRO D 127 31.85 -29.91 -3.63
CA PRO D 127 30.50 -29.33 -3.78
C PRO D 127 30.22 -28.33 -2.66
N LEU D 128 29.82 -27.13 -3.03
CA LEU D 128 29.54 -26.10 -2.04
C LEU D 128 28.05 -25.83 -1.78
N ALA D 129 27.43 -26.55 -0.86
CA ALA D 129 26.04 -26.30 -0.52
C ALA D 129 26.03 -25.16 0.51
N PRO D 130 24.92 -24.41 0.61
CA PRO D 130 24.82 -23.30 1.56
C PRO D 130 24.88 -23.80 3.00
N VAL D 131 25.25 -22.93 3.93
CA VAL D 131 25.25 -23.35 5.33
C VAL D 131 23.86 -23.08 5.93
N CYS D 132 23.60 -21.88 6.46
CA CYS D 132 22.28 -21.56 7.04
C CYS D 132 21.94 -20.08 6.83
N GLY D 133 21.73 -19.72 5.57
CA GLY D 133 21.41 -18.36 5.18
C GLY D 133 22.56 -17.80 4.31
N GLY D 134 23.53 -17.24 5.02
CA GLY D 134 24.79 -16.64 4.47
C GLY D 134 24.75 -16.44 2.94
N THR D 135 23.97 -15.47 2.52
CA THR D 135 23.82 -15.08 1.10
C THR D 135 22.90 -13.85 1.04
N THR D 136 22.84 -13.18 -0.10
CA THR D 136 21.97 -12.02 -0.25
C THR D 136 20.60 -12.36 -0.90
N GLY D 137 20.53 -12.79 -2.16
CA GLY D 137 19.18 -13.10 -2.74
C GLY D 137 19.24 -13.73 -4.14
N SER D 138 18.06 -13.66 -4.76
CA SER D 138 17.76 -14.20 -6.11
C SER D 138 17.63 -15.72 -6.06
N SER D 139 17.29 -16.16 -4.88
CA SER D 139 16.99 -17.56 -4.55
C SER D 139 18.13 -18.60 -4.74
N VAL D 140 18.96 -18.75 -3.69
CA VAL D 140 19.95 -19.88 -3.54
C VAL D 140 21.17 -19.98 -4.47
N THR D 141 22.36 -19.49 -4.16
CA THR D 141 23.48 -19.81 -5.09
C THR D 141 24.21 -21.10 -4.61
N LEU D 142 24.83 -21.78 -5.57
CA LEU D 142 25.54 -23.02 -5.30
C LEU D 142 26.87 -22.93 -6.02
N GLY D 143 27.81 -23.78 -5.65
CA GLY D 143 29.11 -23.72 -6.31
C GLY D 143 29.86 -25.04 -6.31
N CYS D 144 31.01 -25.03 -6.97
CA CYS D 144 31.89 -26.19 -7.08
C CYS D 144 33.30 -25.68 -7.00
N LEU D 145 34.10 -26.24 -6.11
CA LEU D 145 35.49 -25.81 -6.01
C LEU D 145 36.43 -26.91 -6.52
N VAL D 146 36.97 -26.68 -7.68
CA VAL D 146 37.94 -27.58 -8.32
C VAL D 146 39.34 -27.14 -7.89
N LYS D 147 39.99 -27.94 -7.06
CA LYS D 147 41.29 -27.51 -6.54
C LYS D 147 42.36 -28.61 -6.55
N GLY D 148 43.59 -28.15 -6.82
CA GLY D 148 44.83 -28.95 -6.76
C GLY D 148 45.18 -29.69 -8.07
N TYR D 149 44.87 -29.11 -9.22
CA TYR D 149 45.23 -29.75 -10.51
C TYR D 149 46.28 -28.85 -11.18
N PHE D 150 47.16 -29.41 -11.99
CA PHE D 150 48.21 -28.57 -12.58
C PHE D 150 47.92 -28.23 -14.05
N PRO D 151 47.60 -29.24 -14.89
CA PRO D 151 47.30 -28.91 -16.29
C PRO D 151 46.20 -27.85 -16.42
N GLU D 152 46.67 -26.67 -16.69
CA GLU D 152 45.83 -25.48 -16.78
C GLU D 152 44.38 -25.82 -17.22
N PRO D 153 44.14 -26.38 -18.41
CA PRO D 153 42.80 -26.64 -18.94
C PRO D 153 41.99 -27.59 -18.04
N VAL D 154 40.77 -27.14 -17.77
CA VAL D 154 39.72 -27.85 -16.99
C VAL D 154 38.35 -27.29 -17.42
N THR D 155 37.44 -28.19 -17.81
CA THR D 155 36.07 -27.78 -18.24
C THR D 155 35.05 -28.09 -17.16
N LEU D 156 34.31 -27.07 -16.77
CA LEU D 156 33.29 -27.20 -15.73
C LEU D 156 31.92 -26.73 -16.24
N THR D 157 30.95 -27.63 -16.22
CA THR D 157 29.59 -27.31 -16.63
C THR D 157 28.66 -27.83 -15.54
N TRP D 158 27.42 -27.35 -15.56
CA TRP D 158 26.41 -27.77 -14.58
C TRP D 158 25.33 -28.56 -15.32
N ASN D 159 24.93 -29.69 -14.75
CA ASN D 159 23.91 -30.54 -15.35
C ASN D 159 24.17 -30.76 -16.84
N SER D 160 25.41 -31.11 -17.15
CA SER D 160 25.85 -31.40 -18.51
C SER D 160 25.63 -30.30 -19.53
N GLY D 161 25.32 -29.10 -19.09
CA GLY D 161 25.11 -28.02 -20.03
C GLY D 161 23.67 -27.54 -20.02
N SER D 162 22.78 -28.38 -19.51
CA SER D 162 21.37 -28.06 -19.42
C SER D 162 21.14 -26.87 -18.52
N LEU D 163 22.10 -26.59 -17.64
CA LEU D 163 22.00 -25.47 -16.71
C LEU D 163 23.05 -24.44 -17.12
N SER D 164 22.62 -23.42 -17.84
CA SER D 164 23.55 -22.42 -18.36
C SER D 164 23.34 -21.00 -17.84
N SER D 165 22.16 -20.75 -17.28
CA SER D 165 21.82 -19.44 -16.77
C SER D 165 22.22 -19.34 -15.34
N GLY D 166 22.75 -18.18 -14.96
CA GLY D 166 23.20 -17.92 -13.61
C GLY D 166 24.48 -18.65 -13.27
N VAL D 167 25.34 -18.88 -14.25
CA VAL D 167 26.60 -19.59 -14.05
C VAL D 167 27.82 -18.69 -14.25
N HIS D 168 28.65 -18.64 -13.23
CA HIS D 168 29.91 -17.89 -13.23
C HIS D 168 31.09 -18.83 -12.96
N THR D 169 31.87 -19.07 -13.99
CA THR D 169 33.07 -19.91 -13.88
C THR D 169 34.30 -18.98 -13.86
N PHE D 170 35.01 -19.04 -12.74
CA PHE D 170 36.15 -18.16 -12.48
C PHE D 170 37.42 -18.67 -13.09
N PRO D 171 38.32 -17.76 -13.49
CA PRO D 171 39.60 -18.11 -14.10
C PRO D 171 40.48 -18.76 -13.05
N ALA D 172 41.09 -19.87 -13.42
CA ALA D 172 41.93 -20.60 -12.48
C ALA D 172 43.12 -19.76 -12.06
N VAL D 173 43.45 -19.74 -10.77
CA VAL D 173 44.61 -19.01 -10.27
C VAL D 173 45.68 -20.04 -9.92
N LEU D 174 46.94 -19.68 -10.14
CA LEU D 174 48.06 -20.61 -9.88
C LEU D 174 48.78 -20.26 -8.61
N GLN D 175 48.89 -21.24 -7.72
CA GLN D 175 49.57 -21.06 -6.46
C GLN D 175 50.64 -22.15 -6.31
N SER D 176 51.80 -21.84 -6.85
CA SER D 176 52.98 -22.72 -6.82
C SER D 176 52.65 -24.16 -7.26
N GLY D 177 52.66 -24.31 -8.59
CA GLY D 177 52.49 -25.61 -9.29
C GLY D 177 51.12 -26.29 -9.11
N LEU D 178 50.09 -25.51 -8.87
CA LEU D 178 48.73 -26.08 -8.70
C LEU D 178 47.67 -25.01 -8.85
N TYR D 179 46.72 -25.29 -9.73
CA TYR D 179 45.60 -24.42 -10.04
C TYR D 179 44.38 -24.67 -9.17
N THR D 180 43.62 -23.61 -8.95
CA THR D 180 42.38 -23.70 -8.20
C THR D 180 41.35 -22.87 -8.97
N LEU D 181 40.18 -23.45 -9.16
CA LEU D 181 39.08 -22.80 -9.86
C LEU D 181 37.77 -23.07 -9.10
N SER D 182 36.82 -22.15 -9.19
CA SER D 182 35.50 -22.33 -8.54
C SER D 182 34.46 -21.85 -9.56
N SER D 183 33.20 -22.22 -9.34
CA SER D 183 32.13 -21.83 -10.25
C SER D 183 30.83 -21.72 -9.50
N SER D 184 30.08 -20.64 -9.72
CA SER D 184 28.80 -20.50 -9.04
C SER D 184 27.64 -20.60 -10.03
N VAL D 185 26.51 -21.13 -9.56
CA VAL D 185 25.29 -21.25 -10.35
C VAL D 185 24.19 -20.76 -9.41
N THR D 186 23.35 -19.84 -9.86
CA THR D 186 22.26 -19.35 -9.01
C THR D 186 20.97 -19.90 -9.54
N VAL D 187 20.32 -20.79 -8.79
CA VAL D 187 19.07 -21.34 -9.26
C VAL D 187 17.91 -20.81 -8.45
N THR D 188 16.72 -21.02 -8.98
CA THR D 188 15.51 -20.56 -8.33
C THR D 188 15.29 -21.50 -7.15
N SER D 189 14.87 -20.96 -6.02
CA SER D 189 14.69 -21.81 -4.84
C SER D 189 13.69 -22.95 -4.95
N SER D 190 12.81 -22.94 -5.94
CA SER D 190 11.87 -24.04 -6.07
C SER D 190 12.61 -25.21 -6.73
N THR D 191 13.64 -24.84 -7.49
CA THR D 191 14.41 -25.80 -8.31
C THR D 191 15.49 -26.61 -7.54
N TRP D 192 16.22 -26.02 -6.59
CA TRP D 192 17.30 -26.79 -5.89
C TRP D 192 16.70 -27.99 -5.13
N PRO D 193 16.65 -27.97 -3.80
CA PRO D 193 16.60 -29.30 -3.10
C PRO D 193 15.75 -30.34 -3.86
N SER D 194 14.66 -29.80 -4.40
CA SER D 194 13.75 -30.63 -5.18
C SER D 194 14.41 -31.33 -6.36
N GLN D 195 15.00 -30.57 -7.27
CA GLN D 195 15.60 -31.17 -8.43
C GLN D 195 17.13 -31.26 -8.26
N THR D 196 17.70 -32.31 -8.87
CA THR D 196 19.13 -32.58 -8.84
C THR D 196 19.98 -31.52 -9.56
N ILE D 197 21.03 -31.06 -8.88
CA ILE D 197 21.97 -30.10 -9.43
C ILE D 197 23.39 -30.72 -9.33
N THR D 198 23.92 -31.14 -10.47
CA THR D 198 25.24 -31.75 -10.54
C THR D 198 26.21 -30.82 -11.22
N CYS D 199 27.44 -30.82 -10.71
CA CYS D 199 28.54 -30.04 -11.28
C CYS D 199 29.48 -31.02 -12.02
N ASN D 200 29.72 -30.76 -13.30
CA ASN D 200 30.58 -31.64 -14.09
C ASN D 200 31.96 -31.07 -14.30
N VAL D 201 32.97 -31.85 -13.94
CA VAL D 201 34.34 -31.40 -14.10
C VAL D 201 35.19 -32.36 -14.90
N ALA D 202 35.68 -31.91 -16.04
CA ALA D 202 36.56 -32.73 -16.84
C ALA D 202 37.95 -32.10 -16.99
N HIS D 203 38.93 -32.92 -16.64
CA HIS D 203 40.37 -32.60 -16.75
C HIS D 203 41.01 -33.69 -17.61
N PRO D 204 41.05 -33.51 -18.92
CA PRO D 204 41.55 -34.54 -19.84
C PRO D 204 43.01 -34.91 -19.55
N ALA D 205 43.77 -33.96 -19.06
CA ALA D 205 45.19 -34.18 -18.81
C ALA D 205 45.42 -35.36 -17.88
N SER D 206 44.64 -35.45 -16.81
CA SER D 206 44.75 -36.56 -15.85
C SER D 206 43.71 -37.65 -16.08
N SER D 207 43.02 -37.60 -17.22
CA SER D 207 41.99 -38.56 -17.54
C SER D 207 40.87 -38.56 -16.53
N THR D 208 40.54 -37.41 -15.93
CA THR D 208 39.46 -37.43 -14.97
C THR D 208 38.24 -36.66 -15.45
N LYS D 209 37.13 -37.25 -15.03
CA LYS D 209 35.78 -36.78 -15.30
C LYS D 209 34.94 -37.05 -14.06
N VAL D 210 34.55 -35.97 -13.41
CA VAL D 210 33.78 -36.04 -12.16
C VAL D 210 32.38 -35.46 -12.34
N ASP D 211 31.48 -36.03 -11.57
CA ASP D 211 30.07 -35.61 -11.52
C ASP D 211 29.65 -35.54 -10.05
N LYS D 212 29.75 -34.34 -9.54
CA LYS D 212 29.45 -34.07 -8.13
C LYS D 212 28.08 -33.46 -7.93
N LYS D 213 27.17 -34.22 -7.34
CA LYS D 213 25.82 -33.75 -7.06
C LYS D 213 25.82 -32.88 -5.81
N ILE D 214 25.11 -31.75 -5.85
CA ILE D 214 25.04 -30.87 -4.70
C ILE D 214 23.89 -31.27 -3.77
N GLU D 215 24.22 -31.72 -2.59
CA GLU D 215 23.22 -32.13 -1.60
C GLU D 215 23.22 -31.08 -0.52
N PRO D 216 22.15 -31.06 0.29
CA PRO D 216 22.16 -30.07 1.35
C PRO D 216 23.16 -30.56 2.40
N ARG D 217 23.61 -29.68 3.28
CA ARG D 217 24.57 -30.06 4.29
C ARG D 217 24.03 -31.08 5.28
#